data_5C1R
#
_entry.id   5C1R
#
_cell.length_a   94.301
_cell.length_b   78.490
_cell.length_c   100.485
_cell.angle_alpha   90.00
_cell.angle_beta   110.41
_cell.angle_gamma   90.00
#
_symmetry.space_group_name_H-M   'C 1 2 1'
#
loop_
_entity.id
_entity.type
_entity.pdbx_description
1 polymer 'Anthranilate phosphoribosyltransferase'
2 non-polymer 'MAGNESIUM ION'
3 non-polymer 5-O-[(R)-hydroxy(phosphonooxy)phosphoryl]-1-O-phosphono-alpha-D-ribofuranose
4 non-polymer GLYCEROL
5 water water
#
_entity_poly.entity_id   1
_entity_poly.type   'polypeptide(L)'
_entity_poly.pdbx_seq_one_letter_code
;MVALSAEGSSGGSRGGSPKAEAASVPSWPQILGRLTDNRDLARGQAAWAMDQIMTGNARPAQIAAFAVAMTMKAPTADEV
GELAGVMLSHAHPLPADTVPDDAVDVVGTGGDGVNTVNLSTMAAIVVAAAGVPVVKHGNRAASSLSGGADTLEALGVRID
LGPDLVARSLAEVGIGFCFAPRFHPSYRHAAAVRREIGVPTVFNLLGPLTNPARPRAGLIGCAFADLAEVMAGVFAARRS
SVLVVHGDDGLDELTTTTTSTIWRVAAGSVDKLTFDPAGFGFARAQLDQLAGGDAQANAAAVRAVLGGARGPVRDAVVLN
AAGAIVAHAGLSSRAEWLPAWEEGLRRASAAIDTGAAEQLLARWVRFGRQILEHHHHHH
;
_entity_poly.pdbx_strand_id   A,B
#
loop_
_chem_comp.id
_chem_comp.type
_chem_comp.name
_chem_comp.formula
51N D-saccharide 5-O-[(R)-hydroxy(phosphonooxy)phosphoryl]-1-O-phosphono-alpha-D-ribofuranose 'C5 H13 O14 P3'
GOL non-polymer GLYCEROL 'C3 H8 O3'
MG non-polymer 'MAGNESIUM ION' 'Mg 2'
#
# COMPACT_ATOMS: atom_id res chain seq x y z
N PRO A 26 7.89 -6.51 -17.34
CA PRO A 26 7.47 -6.10 -15.99
C PRO A 26 6.79 -4.74 -16.00
N SER A 27 5.87 -4.54 -15.07
CA SER A 27 5.19 -3.26 -14.98
C SER A 27 4.63 -3.08 -13.59
N TRP A 28 4.29 -1.85 -13.24
CA TRP A 28 3.71 -1.58 -11.94
C TRP A 28 2.38 -2.30 -11.76
N PRO A 29 1.51 -2.29 -12.78
CA PRO A 29 0.26 -3.03 -12.59
C PRO A 29 0.47 -4.52 -12.36
N GLN A 30 1.45 -5.09 -13.05
CA GLN A 30 1.74 -6.51 -12.90
C GLN A 30 2.22 -6.81 -11.47
N ILE A 31 3.20 -6.03 -11.03
CA ILE A 31 3.87 -6.33 -9.76
C ILE A 31 2.98 -5.97 -8.57
N LEU A 32 2.36 -4.80 -8.61
CA LEU A 32 1.46 -4.40 -7.54
C LEU A 32 0.25 -5.32 -7.47
N GLY A 33 -0.29 -5.72 -8.63
CA GLY A 33 -1.39 -6.67 -8.66
C GLY A 33 -1.03 -7.99 -8.03
N ARG A 34 0.20 -8.45 -8.26
CA ARG A 34 0.62 -9.73 -7.73
C ARG A 34 0.67 -9.61 -6.20
N LEU A 35 1.19 -8.49 -5.72
CA LEU A 35 1.29 -8.30 -4.27
C LEU A 35 -0.10 -8.14 -3.64
N THR A 36 -1.01 -7.43 -4.29
CA THR A 36 -2.34 -7.22 -3.68
C THR A 36 -3.15 -8.52 -3.73
N ASP A 37 -2.67 -9.48 -4.51
CA ASP A 37 -3.25 -10.82 -4.52
C ASP A 37 -2.56 -11.71 -3.48
N ASN A 38 -1.74 -11.09 -2.63
CA ASN A 38 -1.00 -11.78 -1.57
CA ASN A 38 -1.06 -11.82 -1.56
C ASN A 38 -0.16 -12.94 -2.10
N ARG A 39 0.49 -12.69 -3.24
CA ARG A 39 1.41 -13.66 -3.83
C ARG A 39 2.85 -13.18 -3.72
N ASP A 40 3.75 -14.11 -3.47
CA ASP A 40 5.17 -13.80 -3.54
C ASP A 40 5.50 -13.40 -4.96
N LEU A 41 6.52 -12.56 -5.12
CA LEU A 41 6.88 -12.08 -6.44
C LEU A 41 7.68 -13.15 -7.18
N ALA A 42 7.73 -13.04 -8.49
CA ALA A 42 8.63 -13.93 -9.27
C ALA A 42 10.03 -13.41 -9.14
N ARG A 43 11.01 -14.32 -9.28
CA ARG A 43 12.43 -13.96 -9.30
C ARG A 43 12.65 -12.76 -10.18
N GLY A 44 13.34 -11.74 -9.65
CA GLY A 44 13.69 -10.57 -10.41
C GLY A 44 12.71 -9.42 -10.33
N GLN A 45 11.48 -9.67 -9.92
CA GLN A 45 10.47 -8.62 -9.95
C GLN A 45 10.73 -7.55 -8.90
N ALA A 46 11.05 -7.99 -7.68
CA ALA A 46 11.39 -7.03 -6.62
C ALA A 46 12.57 -6.18 -7.08
N ALA A 47 13.55 -6.80 -7.72
CA ALA A 47 14.71 -6.05 -8.16
C ALA A 47 14.30 -5.02 -9.24
N TRP A 48 13.41 -5.42 -10.15
CA TRP A 48 12.93 -4.50 -11.18
C TRP A 48 12.32 -3.26 -10.57
N ALA A 49 11.43 -3.51 -9.62
CA ALA A 49 10.75 -2.45 -8.90
C ALA A 49 11.74 -1.51 -8.22
N MET A 50 12.67 -2.07 -7.47
CA MET A 50 13.62 -1.25 -6.73
C MET A 50 14.48 -0.43 -7.68
N ASP A 51 14.85 -1.01 -8.81
CA ASP A 51 15.68 -0.28 -9.77
C ASP A 51 14.91 0.90 -10.38
N GLN A 52 13.63 0.70 -10.66
CA GLN A 52 12.76 1.79 -11.12
C GLN A 52 12.77 2.92 -10.09
N ILE A 53 12.62 2.55 -8.83
CA ILE A 53 12.58 3.50 -7.73
C ILE A 53 13.92 4.24 -7.65
N MET A 54 15.00 3.52 -7.88
CA MET A 54 16.35 4.05 -7.65
C MET A 54 16.82 4.93 -8.81
N THR A 55 16.21 4.78 -9.98
CA THR A 55 16.62 5.55 -11.15
C THR A 55 15.73 6.78 -11.39
N GLY A 56 14.87 7.10 -10.43
CA GLY A 56 13.98 8.24 -10.54
C GLY A 56 12.87 8.02 -11.55
N ASN A 57 12.65 6.77 -11.95
CA ASN A 57 11.59 6.44 -12.92
C ASN A 57 10.27 6.02 -12.27
N ALA A 58 10.18 6.07 -10.95
CA ALA A 58 8.94 5.71 -10.27
C ALA A 58 8.28 6.94 -9.69
N ARG A 59 6.99 7.09 -9.96
CA ARG A 59 6.18 8.13 -9.34
C ARG A 59 6.10 7.92 -7.82
N PRO A 60 6.04 9.00 -7.04
CA PRO A 60 5.84 8.80 -5.60
C PRO A 60 4.70 7.83 -5.24
N ALA A 61 3.57 7.94 -5.94
CA ALA A 61 2.46 7.01 -5.72
C ALA A 61 2.86 5.55 -5.94
N GLN A 62 3.65 5.31 -6.98
CA GLN A 62 4.11 3.96 -7.28
C GLN A 62 5.07 3.45 -6.20
N ILE A 63 5.98 4.32 -5.76
CA ILE A 63 6.91 3.98 -4.68
C ILE A 63 6.13 3.58 -3.44
N ALA A 64 5.15 4.40 -3.08
CA ALA A 64 4.34 4.17 -1.89
C ALA A 64 3.49 2.89 -2.00
N ALA A 65 2.84 2.68 -3.13
CA ALA A 65 2.06 1.46 -3.31
C ALA A 65 2.92 0.20 -3.17
N PHE A 66 4.10 0.21 -3.76
CA PHE A 66 5.00 -0.92 -3.68
C PHE A 66 5.46 -1.18 -2.24
N ALA A 67 5.87 -0.12 -1.56
CA ALA A 67 6.37 -0.30 -0.20
C ALA A 67 5.27 -0.83 0.72
N VAL A 68 4.05 -0.33 0.60
CA VAL A 68 2.97 -0.81 1.45
C VAL A 68 2.56 -2.22 1.06
N ALA A 69 2.40 -2.47 -0.25
CA ALA A 69 1.97 -3.78 -0.72
C ALA A 69 2.96 -4.87 -0.34
N MET A 70 4.24 -4.56 -0.46
CA MET A 70 5.27 -5.52 -0.13
C MET A 70 5.17 -5.84 1.37
N THR A 71 4.94 -4.82 2.18
CA THR A 71 4.89 -4.96 3.64
C THR A 71 3.71 -5.79 4.10
N MET A 72 2.54 -5.52 3.53
CA MET A 72 1.37 -6.24 3.93
C MET A 72 1.29 -7.66 3.40
N LYS A 73 1.91 -7.93 2.26
CA LYS A 73 1.96 -9.30 1.76
C LYS A 73 2.82 -10.16 2.69
N ALA A 74 3.85 -9.52 3.26
CA ALA A 74 4.89 -10.12 4.10
C ALA A 74 6.06 -10.47 3.18
N PRO A 75 7.13 -9.67 3.21
CA PRO A 75 8.20 -9.93 2.28
C PRO A 75 8.98 -11.19 2.61
N THR A 76 9.53 -11.82 1.59
CA THR A 76 10.41 -12.96 1.76
C THR A 76 11.88 -12.50 1.81
N ALA A 77 12.75 -13.37 2.29
CA ALA A 77 14.19 -13.14 2.22
C ALA A 77 14.68 -12.92 0.79
N ASP A 78 14.19 -13.70 -0.16
CA ASP A 78 14.59 -13.49 -1.56
C ASP A 78 14.24 -12.06 -2.01
N GLU A 79 13.02 -11.64 -1.71
CA GLU A 79 12.55 -10.33 -2.13
C GLU A 79 13.36 -9.21 -1.50
N VAL A 80 13.57 -9.28 -0.19
CA VAL A 80 14.30 -8.22 0.50
C VAL A 80 15.75 -8.21 0.00
N GLY A 81 16.27 -9.40 -0.25
CA GLY A 81 17.61 -9.55 -0.82
C GLY A 81 17.73 -8.85 -2.16
N GLU A 82 16.69 -8.95 -3.00
CA GLU A 82 16.68 -8.28 -4.30
C GLU A 82 16.68 -6.78 -4.11
N LEU A 83 15.87 -6.30 -3.18
CA LEU A 83 15.80 -4.87 -2.91
C LEU A 83 17.16 -4.33 -2.50
N ALA A 84 17.78 -5.00 -1.54
CA ALA A 84 19.07 -4.55 -1.04
C ALA A 84 20.15 -4.67 -2.11
N GLY A 85 20.08 -5.73 -2.89
CA GLY A 85 21.00 -5.94 -4.01
C GLY A 85 20.99 -4.77 -4.99
N VAL A 86 19.81 -4.30 -5.33
CA VAL A 86 19.71 -3.17 -6.25
C VAL A 86 20.30 -1.92 -5.63
N MET A 87 20.03 -1.65 -4.35
CA MET A 87 20.61 -0.49 -3.70
C MET A 87 22.12 -0.56 -3.73
N LEU A 88 22.65 -1.74 -3.45
CA LEU A 88 24.10 -1.89 -3.45
C LEU A 88 24.66 -1.73 -4.88
N SER A 89 23.92 -2.12 -5.89
CA SER A 89 24.39 -1.88 -7.26
C SER A 89 24.58 -0.40 -7.55
N HIS A 90 23.71 0.43 -7.02
CA HIS A 90 23.72 1.86 -7.32
C HIS A 90 24.53 2.66 -6.32
N ALA A 91 24.99 2.02 -5.26
CA ALA A 91 25.70 2.75 -4.21
C ALA A 91 27.13 3.07 -4.63
N HIS A 92 27.69 4.14 -4.05
CA HIS A 92 29.11 4.42 -4.18
C HIS A 92 29.87 3.32 -3.46
N PRO A 93 30.72 2.56 -4.17
CA PRO A 93 31.51 1.55 -3.47
C PRO A 93 32.74 2.16 -2.82
N LEU A 94 33.36 1.46 -1.88
CA LEU A 94 34.65 1.90 -1.37
C LEU A 94 35.73 1.48 -2.36
N PRO A 95 36.89 2.14 -2.32
CA PRO A 95 37.95 1.77 -3.25
C PRO A 95 38.38 0.31 -3.10
N ALA A 96 38.80 -0.30 -4.20
CA ALA A 96 39.24 -1.69 -4.19
C ALA A 96 40.28 -1.97 -3.09
N ASP A 97 40.14 -3.09 -2.42
CA ASP A 97 41.10 -3.56 -1.41
C ASP A 97 41.27 -2.64 -0.21
N THR A 98 40.24 -1.90 0.19
CA THR A 98 40.34 -1.01 1.37
C THR A 98 39.47 -1.43 2.56
N VAL A 99 38.56 -2.38 2.35
CA VAL A 99 37.78 -2.92 3.44
C VAL A 99 38.35 -4.31 3.79
N PRO A 100 38.83 -4.50 5.02
CA PRO A 100 39.34 -5.80 5.45
C PRO A 100 38.27 -6.89 5.38
N ASP A 101 38.67 -8.12 5.05
CA ASP A 101 37.71 -9.23 4.92
C ASP A 101 36.92 -9.49 6.21
N ASP A 102 37.43 -9.02 7.33
CA ASP A 102 36.80 -9.27 8.63
C ASP A 102 36.17 -8.00 9.24
N ALA A 103 35.86 -7.00 8.42
CA ALA A 103 35.22 -5.78 8.93
C ALA A 103 33.81 -6.10 9.44
N VAL A 104 33.35 -5.35 10.45
CA VAL A 104 32.05 -5.61 11.07
C VAL A 104 31.21 -4.34 11.07
N ASP A 105 29.89 -4.53 11.06
CA ASP A 105 28.92 -3.46 11.21
C ASP A 105 28.19 -3.66 12.52
N VAL A 106 27.72 -2.56 13.11
CA VAL A 106 26.84 -2.62 14.28
C VAL A 106 25.73 -1.61 13.98
N VAL A 107 24.58 -2.12 13.59
CA VAL A 107 23.50 -1.26 13.07
C VAL A 107 22.16 -1.95 13.13
N GLY A 108 21.11 -1.19 13.39
CA GLY A 108 19.78 -1.76 13.52
C GLY A 108 18.77 -1.04 12.65
N THR A 109 17.57 -1.58 12.63
CA THR A 109 16.50 -0.99 11.85
C THR A 109 16.03 0.33 12.44
N GLY A 110 16.29 0.52 13.73
CA GLY A 110 15.65 1.61 14.45
C GLY A 110 14.14 1.39 14.51
N GLY A 111 13.42 2.41 14.96
CA GLY A 111 11.97 2.37 15.06
C GLY A 111 11.42 1.37 16.05
N ASP A 112 12.13 1.13 17.15
CA ASP A 112 11.66 0.17 18.14
C ASP A 112 10.71 0.82 19.14
N GLY A 113 10.43 2.11 18.95
CA GLY A 113 9.45 2.79 19.76
C GLY A 113 10.01 3.25 21.09
N VAL A 114 11.33 3.13 21.23
CA VAL A 114 12.04 3.56 22.43
C VAL A 114 13.10 4.58 22.03
N ASN A 115 13.15 5.70 22.75
CA ASN A 115 14.22 6.66 22.59
C ASN A 115 15.32 6.34 23.58
N THR A 116 16.28 5.54 23.13
CA THR A 116 17.43 5.19 23.94
C THR A 116 18.65 5.99 23.52
N VAL A 117 19.68 5.95 24.35
CA VAL A 117 21.00 6.35 23.94
C VAL A 117 21.41 5.49 22.74
N ASN A 118 22.42 5.93 22.01
CA ASN A 118 22.78 5.30 20.75
C ASN A 118 23.71 4.13 21.02
N LEU A 119 23.09 3.01 21.37
CA LEU A 119 23.81 1.84 21.83
C LEU A 119 24.71 1.24 20.75
N SER A 120 24.21 1.22 19.52
CA SER A 120 25.00 0.65 18.43
C SER A 120 26.26 1.49 18.17
N THR A 121 26.08 2.81 18.18
CA THR A 121 27.17 3.71 17.87
C THR A 121 28.27 3.62 18.98
N MET A 122 27.84 3.56 20.24
CA MET A 122 28.78 3.38 21.33
C MET A 122 29.45 2.03 21.25
N ALA A 123 28.67 0.98 20.96
CA ALA A 123 29.26 -0.34 20.84
C ALA A 123 30.31 -0.35 19.71
N ALA A 124 29.99 0.32 18.59
CA ALA A 124 30.88 0.35 17.44
C ALA A 124 32.25 0.92 17.79
N ILE A 125 32.25 2.00 18.56
CA ILE A 125 33.51 2.63 18.98
C ILE A 125 34.33 1.67 19.83
N VAL A 126 33.67 1.00 20.79
CA VAL A 126 34.34 0.06 21.68
C VAL A 126 34.93 -1.14 20.90
N VAL A 127 34.14 -1.69 19.97
CA VAL A 127 34.59 -2.78 19.11
C VAL A 127 35.83 -2.40 18.30
N ALA A 128 35.80 -1.22 17.69
CA ALA A 128 36.96 -0.73 16.93
C ALA A 128 38.17 -0.59 17.85
N ALA A 129 37.93 -0.10 19.05
CA ALA A 129 39.03 0.15 19.98
C ALA A 129 39.63 -1.17 20.46
N ALA A 130 38.84 -2.23 20.42
CA ALA A 130 39.32 -3.56 20.70
C ALA A 130 40.17 -4.12 19.54
N GLY A 131 40.20 -3.43 18.41
CA GLY A 131 40.98 -3.88 17.27
C GLY A 131 40.23 -4.61 16.16
N VAL A 132 38.91 -4.64 16.25
CA VAL A 132 38.10 -5.25 15.21
C VAL A 132 37.74 -4.13 14.23
N PRO A 133 38.05 -4.26 12.94
CA PRO A 133 37.71 -3.21 11.97
C PRO A 133 36.21 -2.99 11.87
N VAL A 134 35.75 -1.74 12.03
CA VAL A 134 34.32 -1.42 11.99
C VAL A 134 34.02 -0.43 10.86
N VAL A 135 33.08 -0.80 10.01
CA VAL A 135 32.57 0.16 9.04
C VAL A 135 31.07 0.18 9.28
N LYS A 136 30.66 1.25 9.91
CA LYS A 136 29.30 1.38 10.36
C LYS A 136 28.52 2.13 9.33
N HIS A 137 27.37 1.57 9.02
CA HIS A 137 26.41 2.24 8.20
C HIS A 137 25.50 2.97 9.16
N GLY A 138 25.14 4.20 8.84
CA GLY A 138 24.36 4.98 9.78
C GLY A 138 23.61 6.13 9.15
N ASN A 139 22.84 6.81 9.99
CA ASN A 139 21.94 7.82 9.51
C ASN A 139 21.45 8.67 10.69
N ARG A 140 20.83 9.78 10.35
CA ARG A 140 20.20 10.65 11.33
C ARG A 140 18.90 10.05 11.86
N ALA A 141 18.34 10.69 12.88
CA ALA A 141 17.07 10.24 13.48
C ALA A 141 15.98 10.18 12.45
N ALA A 142 15.09 9.20 12.62
CA ALA A 142 13.84 9.14 11.88
C ALA A 142 12.71 9.37 12.87
N SER A 143 12.53 8.43 13.81
CA SER A 143 11.45 8.54 14.80
C SER A 143 11.97 9.00 16.16
N SER A 144 13.27 8.88 16.39
CA SER A 144 13.86 9.25 17.69
C SER A 144 14.29 10.72 17.75
N LEU A 145 14.84 11.11 18.89
CA LEU A 145 15.32 12.46 19.13
C LEU A 145 16.75 12.67 18.60
N SER A 146 17.50 11.59 18.47
CA SER A 146 18.85 11.70 17.96
C SER A 146 19.33 10.35 17.43
N GLY A 147 19.65 10.33 16.14
CA GLY A 147 20.20 9.15 15.48
C GLY A 147 21.69 9.02 15.73
N GLY A 148 22.28 7.90 15.32
CA GLY A 148 23.69 7.70 15.53
C GLY A 148 24.50 8.77 14.81
N ALA A 149 24.07 9.12 13.62
CA ALA A 149 24.76 10.14 12.83
C ALA A 149 24.70 11.51 13.52
N ASP A 150 23.53 11.86 14.03
CA ASP A 150 23.39 13.11 14.80
C ASP A 150 24.33 13.14 15.99
N THR A 151 24.37 12.02 16.73
CA THR A 151 25.19 11.95 17.92
C THR A 151 26.68 12.01 17.58
N LEU A 152 27.12 11.29 16.55
CA LEU A 152 28.51 11.37 16.11
C LEU A 152 28.85 12.79 15.70
N GLU A 153 27.94 13.47 15.01
CA GLU A 153 28.16 14.86 14.63
C GLU A 153 28.35 15.74 15.87
N ALA A 154 27.51 15.54 16.87
CA ALA A 154 27.58 16.33 18.09
C ALA A 154 28.91 16.08 18.80
N LEU A 155 29.51 14.91 18.57
CA LEU A 155 30.78 14.58 19.18
C LEU A 155 31.97 15.12 18.40
N GLY A 156 31.69 15.68 17.23
CA GLY A 156 32.73 16.27 16.40
C GLY A 156 33.28 15.39 15.29
N VAL A 157 32.67 14.22 15.12
CA VAL A 157 33.04 13.30 14.04
C VAL A 157 32.49 13.75 12.69
N ARG A 158 33.32 13.69 11.65
CA ARG A 158 32.86 13.94 10.29
C ARG A 158 32.04 12.75 9.83
N ILE A 159 30.74 12.95 9.67
CA ILE A 159 29.89 11.84 9.30
C ILE A 159 29.71 11.69 7.79
N ASP A 160 29.96 12.74 7.02
CA ASP A 160 29.60 12.71 5.61
CA ASP A 160 29.62 12.80 5.62
C ASP A 160 30.80 12.55 4.66
N LEU A 161 31.75 11.70 5.06
CA LEU A 161 32.91 11.49 4.20
C LEU A 161 32.58 10.60 3.01
N GLY A 162 33.23 10.86 1.88
CA GLY A 162 33.11 10.02 0.71
C GLY A 162 33.93 8.75 0.80
N PRO A 163 33.83 7.88 -0.22
CA PRO A 163 34.45 6.55 -0.26
C PRO A 163 35.93 6.56 0.08
N ASP A 164 36.71 7.39 -0.60
CA ASP A 164 38.15 7.46 -0.36
C ASP A 164 38.47 7.76 1.10
N LEU A 165 37.77 8.72 1.69
CA LEU A 165 38.09 9.12 3.05
C LEU A 165 37.53 8.17 4.12
N VAL A 166 36.41 7.50 3.84
CA VAL A 166 35.95 6.47 4.76
C VAL A 166 37.01 5.37 4.81
N ALA A 167 37.56 5.03 3.65
CA ALA A 167 38.59 3.99 3.60
C ALA A 167 39.82 4.39 4.41
N ARG A 168 40.22 5.65 4.30
CA ARG A 168 41.35 6.16 5.08
C ARG A 168 41.04 6.17 6.58
N SER A 169 39.81 6.52 6.94
CA SER A 169 39.40 6.55 8.33
C SER A 169 39.52 5.15 8.91
N LEU A 170 39.05 4.18 8.13
CA LEU A 170 39.08 2.79 8.55
C LEU A 170 40.51 2.33 8.78
N ALA A 171 41.39 2.67 7.84
CA ALA A 171 42.79 2.25 7.93
C ALA A 171 43.48 2.94 9.09
N GLU A 172 43.27 4.25 9.20
CA GLU A 172 44.08 5.06 10.10
C GLU A 172 43.54 5.17 11.51
N VAL A 173 42.22 5.08 11.65
CA VAL A 173 41.57 5.22 12.95
C VAL A 173 41.05 3.87 13.44
N GLY A 174 40.59 3.04 12.51
CA GLY A 174 40.11 1.71 12.87
C GLY A 174 38.60 1.61 12.72
N ILE A 175 37.98 2.71 12.33
CA ILE A 175 36.54 2.77 12.14
C ILE A 175 36.28 3.75 10.99
N GLY A 176 35.28 3.44 10.18
CA GLY A 176 34.75 4.34 9.17
C GLY A 176 33.24 4.41 9.33
N PHE A 177 32.67 5.56 8.97
CA PHE A 177 31.23 5.77 9.03
C PHE A 177 30.69 6.14 7.66
N CYS A 178 29.89 5.24 7.10
CA CYS A 178 29.22 5.47 5.84
C CYS A 178 27.85 6.08 6.10
N PHE A 179 27.70 7.35 5.77
CA PHE A 179 26.43 8.06 5.96
C PHE A 179 25.48 7.69 4.83
N ALA A 180 24.34 7.11 5.17
CA ALA A 180 23.48 6.49 4.16
C ALA A 180 23.15 7.47 3.04
N PRO A 181 22.68 8.69 3.37
CA PRO A 181 22.43 9.66 2.30
C PRO A 181 23.63 9.98 1.41
N ARG A 182 24.84 9.91 1.93
CA ARG A 182 26.04 10.21 1.15
C ARG A 182 26.36 9.12 0.13
N PHE A 183 26.12 7.86 0.50
CA PHE A 183 26.48 6.73 -0.33
C PHE A 183 25.36 6.18 -1.18
N HIS A 184 24.12 6.55 -0.83
CA HIS A 184 22.92 6.07 -1.54
C HIS A 184 22.11 7.24 -2.10
N PRO A 185 22.72 8.10 -2.91
CA PRO A 185 22.02 9.29 -3.43
C PRO A 185 20.74 8.96 -4.18
N SER A 186 20.76 7.85 -4.91
CA SER A 186 19.65 7.47 -5.76
C SER A 186 18.43 7.03 -4.95
N TYR A 187 18.63 6.85 -3.64
CA TYR A 187 17.56 6.45 -2.73
C TYR A 187 16.67 7.60 -2.30
N ARG A 188 17.04 8.83 -2.68
CA ARG A 188 16.39 10.00 -2.10
C ARG A 188 14.89 9.98 -2.38
N HIS A 189 14.46 9.42 -3.50
CA HIS A 189 13.01 9.40 -3.79
C HIS A 189 12.28 8.43 -2.87
N ALA A 190 12.88 7.26 -2.64
CA ALA A 190 12.34 6.32 -1.68
C ALA A 190 12.30 6.95 -0.30
N ALA A 191 13.38 7.63 0.08
CA ALA A 191 13.47 8.24 1.42
C ALA A 191 12.36 9.27 1.63
N ALA A 192 12.11 10.08 0.61
CA ALA A 192 11.06 11.11 0.71
C ALA A 192 9.69 10.47 0.94
N VAL A 193 9.38 9.39 0.24
CA VAL A 193 8.10 8.70 0.39
C VAL A 193 7.98 8.06 1.80
N ARG A 194 9.06 7.44 2.27
N ARG A 194 9.06 7.46 2.27
CA ARG A 194 9.08 6.89 3.63
CA ARG A 194 9.05 6.87 3.61
C ARG A 194 8.64 7.94 4.63
C ARG A 194 8.68 7.93 4.66
N ARG A 195 9.21 9.14 4.52
CA ARG A 195 8.88 10.21 5.45
C ARG A 195 7.41 10.60 5.32
N GLU A 196 6.94 10.71 4.09
CA GLU A 196 5.56 11.13 3.84
C GLU A 196 4.50 10.16 4.37
N ILE A 197 4.74 8.87 4.28
CA ILE A 197 3.72 7.95 4.76
C ILE A 197 3.93 7.62 6.24
N GLY A 198 5.16 7.79 6.74
CA GLY A 198 5.42 7.86 8.18
C GLY A 198 5.14 6.62 9.01
N VAL A 199 4.93 5.51 8.31
CA VAL A 199 4.66 4.20 8.89
C VAL A 199 5.80 3.28 8.44
N PRO A 200 6.24 2.34 9.30
CA PRO A 200 7.29 1.42 8.84
C PRO A 200 6.84 0.53 7.68
N THR A 201 7.76 0.26 6.76
CA THR A 201 7.53 -0.65 5.64
C THR A 201 8.75 -1.53 5.50
N VAL A 202 8.74 -2.37 4.49
CA VAL A 202 9.88 -3.18 4.13
C VAL A 202 11.15 -2.33 3.93
N PHE A 203 10.99 -1.07 3.53
CA PHE A 203 12.14 -0.17 3.35
C PHE A 203 12.93 -0.02 4.66
N ASN A 204 12.24 -0.12 5.80
CA ASN A 204 12.89 0.03 7.12
C ASN A 204 13.87 -1.11 7.41
N LEU A 205 13.79 -2.19 6.67
CA LEU A 205 14.74 -3.29 6.83
C LEU A 205 16.07 -3.10 6.10
N LEU A 206 16.12 -2.15 5.17
CA LEU A 206 17.20 -2.16 4.19
C LEU A 206 18.52 -1.54 4.71
N GLY A 207 18.44 -0.61 5.66
CA GLY A 207 19.63 0.05 6.19
C GLY A 207 20.75 -0.90 6.55
N PRO A 208 20.45 -1.86 7.45
CA PRO A 208 21.48 -2.81 7.90
C PRO A 208 21.94 -3.73 6.78
N LEU A 209 21.15 -3.83 5.71
CA LEU A 209 21.44 -4.73 4.61
C LEU A 209 22.11 -4.07 3.42
N THR A 210 22.37 -2.78 3.51
CA THR A 210 22.91 -2.02 2.37
C THR A 210 24.12 -1.15 2.77
N ASN A 211 24.91 -1.62 3.73
CA ASN A 211 26.20 -1.00 4.02
C ASN A 211 27.06 -1.05 2.75
N PRO A 212 27.44 0.11 2.21
CA PRO A 212 28.16 0.09 0.92
C PRO A 212 29.57 -0.51 0.98
N ALA A 213 30.13 -0.64 2.19
CA ALA A 213 31.43 -1.29 2.37
C ALA A 213 31.31 -2.80 2.36
N ARG A 214 30.08 -3.29 2.44
CA ARG A 214 29.76 -4.72 2.39
C ARG A 214 30.56 -5.58 3.36
N PRO A 215 30.56 -5.18 4.63
CA PRO A 215 31.25 -5.99 5.65
C PRO A 215 30.58 -7.34 5.79
N ARG A 216 31.38 -8.36 6.07
CA ARG A 216 30.90 -9.73 6.07
C ARG A 216 30.42 -10.18 7.45
N ALA A 217 30.57 -9.31 8.44
CA ALA A 217 30.05 -9.63 9.76
C ALA A 217 29.29 -8.48 10.37
N GLY A 218 28.49 -8.77 11.37
CA GLY A 218 27.70 -7.73 11.98
C GLY A 218 26.85 -8.15 13.15
N LEU A 219 26.56 -7.16 13.99
CA LEU A 219 25.55 -7.26 15.03
C LEU A 219 24.40 -6.38 14.57
N ILE A 220 23.27 -7.00 14.30
CA ILE A 220 22.22 -6.37 13.51
C ILE A 220 20.91 -6.42 14.26
N GLY A 221 20.46 -5.26 14.73
CA GLY A 221 19.23 -5.21 15.50
C GLY A 221 18.01 -5.06 14.61
N CYS A 222 16.93 -5.72 14.99
CA CYS A 222 15.69 -5.63 14.25
C CYS A 222 14.53 -5.36 15.21
N ALA A 223 13.86 -4.24 15.02
CA ALA A 223 12.74 -3.82 15.87
C ALA A 223 11.51 -4.70 15.67
N PHE A 224 11.42 -5.30 14.49
CA PHE A 224 10.23 -6.00 14.06
C PHE A 224 10.46 -7.50 14.23
N ALA A 225 9.95 -8.05 15.33
CA ALA A 225 10.22 -9.44 15.69
C ALA A 225 9.88 -10.39 14.55
N ASP A 226 8.78 -10.12 13.84
CA ASP A 226 8.34 -11.04 12.80
C ASP A 226 9.10 -10.91 11.48
N LEU A 227 10.06 -9.99 11.43
CA LEU A 227 10.88 -9.81 10.23
C LEU A 227 12.37 -10.07 10.48
N ALA A 228 12.75 -10.28 11.73
CA ALA A 228 14.16 -10.57 12.00
C ALA A 228 14.63 -11.79 11.22
N GLU A 229 13.81 -12.83 11.15
CA GLU A 229 14.18 -14.07 10.45
C GLU A 229 14.40 -13.84 8.97
N VAL A 230 13.60 -12.93 8.40
CA VAL A 230 13.78 -12.50 7.01
C VAL A 230 15.14 -11.82 6.82
N MET A 231 15.45 -10.85 7.68
CA MET A 231 16.76 -10.20 7.60
C MET A 231 17.88 -11.22 7.74
N ALA A 232 17.74 -12.14 8.70
CA ALA A 232 18.77 -13.15 8.87
C ALA A 232 18.96 -13.98 7.60
N GLY A 233 17.84 -14.28 6.92
CA GLY A 233 17.90 -15.00 5.67
C GLY A 233 18.68 -14.28 4.59
N VAL A 234 18.56 -12.95 4.53
CA VAL A 234 19.32 -12.17 3.57
C VAL A 234 20.82 -12.29 3.84
N PHE A 235 21.21 -12.18 5.09
CA PHE A 235 22.61 -12.31 5.47
C PHE A 235 23.12 -13.74 5.22
N ALA A 236 22.26 -14.72 5.46
CA ALA A 236 22.64 -16.11 5.19
C ALA A 236 22.96 -16.29 3.71
N ALA A 237 22.17 -15.65 2.85
CA ALA A 237 22.38 -15.78 1.42
C ALA A 237 23.75 -15.27 1.03
N ARG A 238 24.24 -14.26 1.75
CA ARG A 238 25.55 -13.66 1.50
C ARG A 238 26.67 -14.38 2.23
N ARG A 239 26.30 -15.40 2.99
CA ARG A 239 27.23 -16.11 3.86
C ARG A 239 27.99 -15.11 4.74
N SER A 240 27.23 -14.18 5.31
CA SER A 240 27.76 -13.31 6.34
C SER A 240 27.79 -14.03 7.68
N SER A 241 28.67 -13.58 8.57
CA SER A 241 28.61 -14.00 9.97
C SER A 241 27.94 -12.92 10.78
N VAL A 242 26.66 -13.12 11.08
CA VAL A 242 25.85 -12.08 11.67
C VAL A 242 25.03 -12.63 12.83
N LEU A 243 24.84 -11.81 13.85
CA LEU A 243 23.83 -12.02 14.87
C LEU A 243 22.74 -11.01 14.63
N VAL A 244 21.57 -11.48 14.20
CA VAL A 244 20.40 -10.62 14.13
C VAL A 244 19.71 -10.72 15.47
N VAL A 245 19.46 -9.59 16.12
CA VAL A 245 19.00 -9.59 17.50
C VAL A 245 17.75 -8.77 17.71
N HIS A 246 16.88 -9.29 18.58
CA HIS A 246 15.67 -8.59 18.97
C HIS A 246 15.47 -8.80 20.46
N GLY A 247 15.57 -7.72 21.22
CA GLY A 247 15.34 -7.78 22.65
C GLY A 247 13.90 -8.18 22.90
N ASP A 248 13.67 -9.02 23.90
CA ASP A 248 12.31 -9.54 24.13
C ASP A 248 11.48 -8.43 24.77
N ASP A 249 12.12 -7.30 25.07
CA ASP A 249 11.44 -6.09 25.46
C ASP A 249 11.17 -5.16 24.29
N GLY A 250 11.54 -5.59 23.08
CA GLY A 250 11.28 -4.83 21.87
C GLY A 250 12.48 -4.05 21.33
N LEU A 251 13.56 -4.01 22.10
CA LEU A 251 14.75 -3.27 21.72
C LEU A 251 15.38 -3.84 20.43
N ASP A 252 15.84 -2.98 19.52
CA ASP A 252 16.59 -3.46 18.35
C ASP A 252 18.08 -3.49 18.66
N GLU A 253 18.40 -4.10 19.80
CA GLU A 253 19.76 -4.36 20.28
C GLU A 253 19.67 -5.56 21.22
N LEU A 254 20.79 -6.17 21.58
CA LEU A 254 20.78 -7.08 22.72
C LEU A 254 20.40 -6.28 23.96
N THR A 255 19.36 -6.70 24.67
CA THR A 255 18.92 -5.94 25.82
C THR A 255 19.50 -6.50 27.11
N THR A 256 19.38 -5.70 28.17
CA THR A 256 19.77 -6.09 29.52
C THR A 256 18.58 -6.13 30.48
N THR A 257 17.38 -5.86 29.95
CA THR A 257 16.18 -5.83 30.81
C THR A 257 15.49 -7.18 30.85
N THR A 258 15.85 -8.04 29.92
CA THR A 258 15.26 -9.37 29.84
C THR A 258 16.08 -10.16 28.82
N THR A 259 15.51 -11.27 28.34
CA THR A 259 16.17 -12.10 27.34
C THR A 259 16.11 -11.43 25.96
N SER A 260 16.91 -11.94 25.04
CA SER A 260 16.82 -11.53 23.63
C SER A 260 16.71 -12.76 22.74
N THR A 261 16.11 -12.56 21.58
CA THR A 261 16.11 -13.56 20.52
C THR A 261 17.26 -13.21 19.59
N ILE A 262 18.08 -14.21 19.31
CA ILE A 262 19.17 -14.08 18.35
C ILE A 262 18.92 -15.05 17.23
N TRP A 263 18.92 -14.51 16.00
CA TRP A 263 18.96 -15.34 14.80
C TRP A 263 20.41 -15.36 14.40
N ARG A 264 21.09 -16.45 14.74
CA ARG A 264 22.52 -16.58 14.47
C ARG A 264 22.74 -17.07 13.04
N VAL A 265 23.53 -16.30 12.30
CA VAL A 265 23.84 -16.60 10.90
C VAL A 265 25.30 -16.99 10.75
N ALA A 266 25.54 -18.22 10.33
CA ALA A 266 26.88 -18.69 10.02
C ALA A 266 26.79 -19.87 9.05
N ALA A 267 27.78 -19.95 8.16
CA ALA A 267 27.86 -21.06 7.20
C ALA A 267 26.60 -21.14 6.33
N GLY A 268 25.99 -19.98 6.06
CA GLY A 268 24.83 -19.91 5.18
C GLY A 268 23.54 -20.42 5.81
N SER A 269 23.55 -20.66 7.12
CA SER A 269 22.39 -21.19 7.81
C SER A 269 22.04 -20.32 9.00
N VAL A 270 20.77 -20.36 9.40
CA VAL A 270 20.22 -19.55 10.48
C VAL A 270 19.66 -20.44 11.57
N ASP A 271 19.98 -20.16 12.82
CA ASP A 271 19.30 -20.83 13.93
C ASP A 271 18.87 -19.82 14.98
N LYS A 272 17.62 -19.97 15.45
CA LYS A 272 17.02 -19.08 16.43
C LYS A 272 17.45 -19.50 17.84
N LEU A 273 17.97 -18.54 18.60
CA LEU A 273 18.42 -18.77 19.98
C LEU A 273 17.74 -17.79 20.93
N THR A 274 17.56 -18.21 22.19
CA THR A 274 17.19 -17.30 23.27
C THR A 274 18.44 -17.07 24.11
N PHE A 275 18.73 -15.80 24.37
CA PHE A 275 19.97 -15.38 24.99
C PHE A 275 19.64 -14.64 26.28
N ASP A 276 20.30 -14.99 27.37
CA ASP A 276 20.11 -14.28 28.64
C ASP A 276 21.45 -13.77 29.16
N PRO A 277 21.61 -12.44 29.27
CA PRO A 277 22.92 -11.95 29.71
C PRO A 277 23.18 -12.19 31.20
N ALA A 278 22.14 -12.56 31.94
CA ALA A 278 22.31 -12.90 33.36
C ALA A 278 23.29 -14.03 33.52
N GLY A 279 23.37 -14.90 32.51
CA GLY A 279 24.33 -15.98 32.52
C GLY A 279 25.77 -15.52 32.47
N PHE A 280 25.98 -14.25 32.13
CA PHE A 280 27.32 -13.65 32.13
C PHE A 280 27.47 -12.60 33.25
N GLY A 281 26.54 -12.60 34.18
CA GLY A 281 26.64 -11.74 35.35
C GLY A 281 25.98 -10.37 35.24
N PHE A 282 25.25 -10.15 34.16
CA PHE A 282 24.58 -8.88 33.95
C PHE A 282 23.31 -8.78 34.75
N ALA A 283 23.26 -7.77 35.61
CA ALA A 283 22.07 -7.48 36.38
C ALA A 283 20.95 -7.02 35.45
N ARG A 284 19.70 -7.28 35.83
CA ARG A 284 18.55 -6.79 35.08
C ARG A 284 18.38 -5.29 35.25
N ALA A 285 18.26 -4.60 34.12
CA ALA A 285 18.02 -3.15 34.12
C ALA A 285 16.57 -2.89 33.75
N GLN A 286 16.13 -1.64 33.94
CA GLN A 286 14.82 -1.19 33.46
C GLN A 286 15.03 -0.42 32.18
N LEU A 287 14.07 -0.50 31.26
CA LEU A 287 14.24 0.12 29.96
C LEU A 287 14.47 1.64 30.07
N ASP A 288 13.76 2.28 30.99
N ASP A 288 13.79 2.30 31.01
CA ASP A 288 13.91 3.73 31.19
CA ASP A 288 13.93 3.75 31.14
C ASP A 288 15.36 4.14 31.49
C ASP A 288 15.35 4.17 31.55
N GLN A 289 16.14 3.24 32.07
CA GLN A 289 17.53 3.54 32.43
C GLN A 289 18.43 3.69 31.20
N LEU A 290 17.96 3.22 30.04
CA LEU A 290 18.70 3.36 28.78
C LEU A 290 18.18 4.53 27.95
N ALA A 291 17.27 5.33 28.53
CA ALA A 291 16.62 6.41 27.79
C ALA A 291 17.60 7.50 27.40
N GLY A 292 17.36 8.09 26.24
CA GLY A 292 18.21 9.14 25.70
C GLY A 292 17.42 10.40 25.47
N GLY A 293 17.99 11.31 24.69
CA GLY A 293 17.37 12.58 24.39
C GLY A 293 17.91 13.11 23.07
N ASP A 294 18.29 14.39 23.06
CA ASP A 294 18.76 15.02 21.84
C ASP A 294 20.23 14.71 21.66
N ALA A 295 20.78 15.19 20.56
CA ALA A 295 22.15 14.83 20.19
C ALA A 295 23.14 15.23 21.26
N GLN A 296 22.93 16.38 21.89
CA GLN A 296 23.83 16.87 22.92
CA GLN A 296 23.84 16.86 22.91
C GLN A 296 23.82 15.96 24.14
N ALA A 297 22.62 15.49 24.52
CA ALA A 297 22.49 14.60 25.67
C ALA A 297 23.06 13.21 25.36
N ASN A 298 22.78 12.72 24.16
CA ASN A 298 23.27 11.41 23.76
C ASN A 298 24.76 11.42 23.55
N ALA A 299 25.30 12.55 23.11
CA ALA A 299 26.74 12.70 23.02
C ALA A 299 27.31 12.67 24.42
N ALA A 300 26.64 13.32 25.36
CA ALA A 300 27.12 13.31 26.74
C ALA A 300 27.11 11.89 27.31
N ALA A 301 26.17 11.08 26.85
CA ALA A 301 26.09 9.70 27.32
C ALA A 301 27.28 8.92 26.77
N VAL A 302 27.67 9.20 25.54
CA VAL A 302 28.84 8.54 24.96
C VAL A 302 30.09 8.88 25.78
N ARG A 303 30.29 10.17 26.01
CA ARG A 303 31.45 10.63 26.79
C ARG A 303 31.48 9.98 28.18
N ALA A 304 30.31 9.88 28.80
CA ALA A 304 30.20 9.27 30.12
C ALA A 304 30.64 7.81 30.09
N VAL A 305 30.08 7.02 29.17
CA VAL A 305 30.43 5.61 29.10
C VAL A 305 31.93 5.43 28.77
N LEU A 306 32.42 6.18 27.79
CA LEU A 306 33.80 6.03 27.41
C LEU A 306 34.76 6.49 28.50
N GLY A 307 34.27 7.33 29.40
CA GLY A 307 35.09 7.82 30.51
C GLY A 307 35.15 6.88 31.71
N GLY A 308 34.39 5.79 31.65
CA GLY A 308 34.43 4.75 32.66
C GLY A 308 33.24 4.70 33.62
N ALA A 309 32.19 5.46 33.32
CA ALA A 309 31.02 5.50 34.19
C ALA A 309 30.35 4.13 34.23
N ARG A 310 30.14 3.62 35.44
CA ARG A 310 29.50 2.33 35.64
C ARG A 310 28.00 2.52 35.69
N GLY A 311 27.27 1.54 35.19
CA GLY A 311 25.82 1.62 35.20
C GLY A 311 25.16 0.83 34.10
N PRO A 312 23.84 0.92 34.01
CA PRO A 312 23.11 0.12 33.01
C PRO A 312 23.51 0.45 31.55
N VAL A 313 23.85 1.70 31.26
CA VAL A 313 24.21 2.06 29.90
C VAL A 313 25.52 1.37 29.52
N ARG A 314 26.56 1.48 30.36
CA ARG A 314 27.80 0.76 30.13
C ARG A 314 27.52 -0.72 29.88
N ASP A 315 26.70 -1.32 30.73
CA ASP A 315 26.43 -2.75 30.62
C ASP A 315 25.89 -3.08 29.24
N ALA A 316 24.96 -2.27 28.76
CA ALA A 316 24.31 -2.52 27.48
C ALA A 316 25.31 -2.37 26.35
N VAL A 317 26.19 -1.38 26.50
CA VAL A 317 27.20 -1.11 25.48
C VAL A 317 28.19 -2.27 25.40
N VAL A 318 28.66 -2.71 26.57
CA VAL A 318 29.60 -3.83 26.63
C VAL A 318 28.99 -5.10 26.07
N LEU A 319 27.74 -5.38 26.41
CA LEU A 319 27.04 -6.57 25.91
C LEU A 319 26.97 -6.56 24.39
N ASN A 320 26.57 -5.43 23.81
CA ASN A 320 26.44 -5.36 22.35
C ASN A 320 27.80 -5.30 21.63
N ALA A 321 28.78 -4.63 22.24
CA ALA A 321 30.13 -4.69 21.71
C ALA A 321 30.60 -6.15 21.67
N ALA A 322 30.32 -6.88 22.73
CA ALA A 322 30.75 -8.28 22.81
C ALA A 322 30.03 -9.09 21.73
N GLY A 323 28.76 -8.80 21.54
CA GLY A 323 28.01 -9.45 20.47
C GLY A 323 28.63 -9.29 19.09
N ALA A 324 29.10 -8.10 18.78
CA ALA A 324 29.72 -7.82 17.50
C ALA A 324 31.04 -8.58 17.35
N ILE A 325 31.79 -8.65 18.44
CA ILE A 325 33.05 -9.39 18.47
C ILE A 325 32.77 -10.88 18.24
N VAL A 326 31.71 -11.39 18.86
CA VAL A 326 31.30 -12.77 18.65
C VAL A 326 30.97 -13.01 17.17
N ALA A 327 30.28 -12.05 16.54
CA ALA A 327 29.97 -12.21 15.11
C ALA A 327 31.26 -12.18 14.28
N HIS A 328 32.18 -11.32 14.67
CA HIS A 328 33.49 -11.24 14.01
C HIS A 328 34.21 -12.59 14.10
N ALA A 329 34.15 -13.19 15.27
CA ALA A 329 34.82 -14.47 15.51
C ALA A 329 34.21 -15.57 14.67
N GLY A 330 32.92 -15.48 14.43
CA GLY A 330 32.17 -16.46 13.67
C GLY A 330 32.60 -16.56 12.22
N LEU A 331 33.38 -15.58 11.76
CA LEU A 331 33.92 -15.65 10.42
C LEU A 331 34.83 -16.87 10.29
N SER A 332 35.17 -17.46 11.43
CA SER A 332 36.07 -18.62 11.53
C SER A 332 35.40 -19.89 12.05
N ALA A 335 34.86 -20.53 15.88
CA ALA A 335 35.03 -20.51 17.32
C ALA A 335 33.83 -21.15 18.00
N GLU A 336 33.88 -21.22 19.33
CA GLU A 336 32.86 -21.81 20.17
C GLU A 336 32.05 -20.72 20.85
N TRP A 337 30.73 -20.91 20.94
CA TRP A 337 29.81 -19.86 21.39
C TRP A 337 30.13 -19.25 22.76
N LEU A 338 30.13 -20.04 23.81
CA LEU A 338 30.27 -19.44 25.15
C LEU A 338 31.66 -18.85 25.34
N PRO A 339 32.72 -19.57 24.94
CA PRO A 339 34.05 -18.95 25.00
C PRO A 339 34.15 -17.65 24.19
N ALA A 340 33.47 -17.62 23.03
CA ALA A 340 33.47 -16.43 22.19
C ALA A 340 32.87 -15.25 22.92
N TRP A 341 31.77 -15.49 23.63
CA TRP A 341 31.14 -14.45 24.44
C TRP A 341 32.00 -13.96 25.59
N GLU A 342 32.58 -14.90 26.34
CA GLU A 342 33.52 -14.53 27.39
C GLU A 342 34.65 -13.64 26.85
N GLU A 343 35.25 -14.04 25.72
CA GLU A 343 36.35 -13.25 25.17
C GLU A 343 35.86 -11.88 24.72
N GLY A 344 34.72 -11.87 24.04
CA GLY A 344 34.08 -10.62 23.62
C GLY A 344 33.83 -9.66 24.77
N LEU A 345 33.30 -10.17 25.87
CA LEU A 345 32.99 -9.32 27.03
C LEU A 345 34.29 -8.79 27.64
N ARG A 346 35.30 -9.65 27.71
N ARG A 346 35.28 -9.66 27.70
CA ARG A 346 36.60 -9.25 28.23
CA ARG A 346 36.61 -9.30 28.20
C ARG A 346 37.20 -8.15 27.37
C ARG A 346 37.22 -8.18 27.37
N ARG A 347 37.21 -8.34 26.06
CA ARG A 347 37.83 -7.36 25.16
C ARG A 347 37.11 -6.03 25.19
N ALA A 348 35.78 -6.07 25.26
CA ALA A 348 34.98 -4.86 25.27
C ALA A 348 35.21 -4.05 26.54
N SER A 349 35.11 -4.72 27.69
CA SER A 349 35.35 -4.08 28.98
C SER A 349 36.73 -3.45 29.02
N ALA A 350 37.74 -4.17 28.53
CA ALA A 350 39.11 -3.69 28.62
C ALA A 350 39.31 -2.49 27.69
N ALA A 351 38.65 -2.51 26.54
CA ALA A 351 38.74 -1.40 25.59
C ALA A 351 38.27 -0.08 26.22
N ILE A 352 37.22 -0.15 27.02
CA ILE A 352 36.74 0.99 27.78
C ILE A 352 37.70 1.32 28.92
N ASP A 353 37.99 0.32 29.75
CA ASP A 353 38.72 0.54 31.00
C ASP A 353 40.15 1.06 30.81
N THR A 354 40.80 0.66 29.74
CA THR A 354 42.14 1.15 29.44
C THR A 354 42.16 2.55 28.85
N GLY A 355 40.98 3.06 28.52
CA GLY A 355 40.86 4.33 27.84
C GLY A 355 40.98 4.24 26.33
N ALA A 356 41.20 3.04 25.80
CA ALA A 356 41.41 2.90 24.37
C ALA A 356 40.21 3.41 23.58
N ALA A 357 39.01 3.14 24.09
CA ALA A 357 37.80 3.55 23.39
C ALA A 357 37.69 5.06 23.38
N GLU A 358 37.93 5.69 24.53
CA GLU A 358 37.85 7.14 24.65
C GLU A 358 38.89 7.78 23.73
N GLN A 359 40.10 7.22 23.71
CA GLN A 359 41.15 7.73 22.85
C GLN A 359 40.88 7.52 21.36
N LEU A 360 40.27 6.39 21.01
CA LEU A 360 39.92 6.17 19.61
C LEU A 360 38.93 7.24 19.13
N LEU A 361 37.96 7.60 19.97
CA LEU A 361 37.01 8.64 19.58
C LEU A 361 37.74 9.96 19.36
N ALA A 362 38.66 10.30 20.24
CA ALA A 362 39.44 11.54 20.10
C ALA A 362 40.23 11.53 18.81
N ARG A 363 40.84 10.38 18.50
CA ARG A 363 41.60 10.23 17.28
C ARG A 363 40.69 10.32 16.06
N TRP A 364 39.48 9.84 16.20
CA TRP A 364 38.54 9.89 15.09
C TRP A 364 38.22 11.34 14.77
N VAL A 365 37.98 12.12 15.82
CA VAL A 365 37.68 13.55 15.66
C VAL A 365 38.85 14.28 15.02
N ARG A 366 40.07 14.00 15.50
CA ARG A 366 41.25 14.66 14.94
C ARG A 366 41.42 14.33 13.47
N PHE A 367 41.20 13.07 13.11
CA PHE A 367 41.32 12.63 11.74
C PHE A 367 40.48 13.50 10.80
N GLY A 368 39.25 13.76 11.21
CA GLY A 368 38.33 14.52 10.37
C GLY A 368 38.75 15.98 10.23
N ARG A 369 39.49 16.49 11.21
CA ARG A 369 39.90 17.88 11.19
C ARG A 369 41.17 18.08 10.38
N GLN A 370 41.77 16.97 9.95
CA GLN A 370 43.04 16.99 9.27
C GLN A 370 42.94 16.22 7.96
N VAL B 25 -6.01 15.02 16.02
CA VAL B 25 -5.63 13.70 16.53
C VAL B 25 -5.46 12.67 15.41
N PRO B 26 -6.36 12.65 14.41
CA PRO B 26 -6.14 11.73 13.29
C PRO B 26 -4.90 12.13 12.49
N SER B 27 -4.16 11.16 11.96
CA SER B 27 -3.00 11.46 11.14
C SER B 27 -2.75 10.31 10.17
N TRP B 28 -1.95 10.57 9.14
CA TRP B 28 -1.63 9.51 8.19
C TRP B 28 -0.85 8.38 8.87
N PRO B 29 0.17 8.70 9.69
CA PRO B 29 0.89 7.57 10.31
C PRO B 29 -0.02 6.69 11.17
N GLN B 30 -0.96 7.31 11.85
CA GLN B 30 -1.91 6.56 12.68
C GLN B 30 -2.79 5.65 11.84
N ILE B 31 -3.42 6.23 10.84
CA ILE B 31 -4.36 5.48 9.99
C ILE B 31 -3.65 4.41 9.15
N LEU B 32 -2.57 4.80 8.47
CA LEU B 32 -1.79 3.86 7.69
C LEU B 32 -1.16 2.77 8.55
N GLY B 33 -0.71 3.12 9.76
CA GLY B 33 -0.19 2.12 10.68
C GLY B 33 -1.23 1.12 11.12
N ARG B 34 -2.44 1.60 11.36
CA ARG B 34 -3.53 0.74 11.76
C ARG B 34 -3.85 -0.25 10.63
N LEU B 35 -3.91 0.25 9.41
CA LEU B 35 -4.20 -0.59 8.25
C LEU B 35 -3.09 -1.62 8.00
N THR B 36 -1.84 -1.20 8.07
CA THR B 36 -0.72 -2.13 7.83
C THR B 36 -0.62 -3.14 8.96
N ASP B 37 -1.21 -2.85 10.12
CA ASP B 37 -1.34 -3.84 11.19
C ASP B 37 -2.53 -4.78 10.95
N ASN B 38 -3.17 -4.66 9.78
CA ASN B 38 -4.33 -5.48 9.43
CA ASN B 38 -4.34 -5.46 9.44
C ASN B 38 -5.51 -5.29 10.38
N ARG B 39 -5.68 -4.07 10.87
CA ARG B 39 -6.79 -3.74 11.76
C ARG B 39 -7.84 -2.89 11.04
N ASP B 40 -9.11 -3.14 11.35
CA ASP B 40 -10.17 -2.26 10.89
C ASP B 40 -9.98 -0.87 11.50
N LEU B 41 -10.33 0.15 10.75
CA LEU B 41 -10.20 1.51 11.24
C LEU B 41 -11.25 1.80 12.30
N ALA B 42 -10.93 2.77 13.15
CA ALA B 42 -11.91 3.35 14.07
C ALA B 42 -12.93 4.17 13.30
N ARG B 43 -14.14 4.26 13.85
N ARG B 43 -14.14 4.26 13.85
CA ARG B 43 -15.19 5.06 13.25
CA ARG B 43 -15.18 5.06 13.23
C ARG B 43 -14.67 6.47 12.95
C ARG B 43 -14.66 6.46 12.94
N GLY B 44 -14.93 6.94 11.73
CA GLY B 44 -14.53 8.27 11.31
C GLY B 44 -13.15 8.39 10.68
N GLN B 45 -12.31 7.38 10.84
CA GLN B 45 -10.94 7.48 10.32
C GLN B 45 -10.89 7.41 8.81
N ALA B 46 -11.64 6.48 8.23
CA ALA B 46 -11.71 6.41 6.78
C ALA B 46 -12.27 7.70 6.21
N ALA B 47 -13.31 8.25 6.84
CA ALA B 47 -13.85 9.52 6.42
C ALA B 47 -12.83 10.66 6.50
N TRP B 48 -12.03 10.70 7.56
CA TRP B 48 -11.01 11.73 7.72
C TRP B 48 -10.06 11.67 6.54
N ALA B 49 -9.58 10.47 6.27
CA ALA B 49 -8.67 10.20 5.18
C ALA B 49 -9.23 10.67 3.85
N MET B 50 -10.44 10.24 3.53
CA MET B 50 -11.02 10.60 2.24
C MET B 50 -11.19 12.12 2.15
N ASP B 51 -11.52 12.76 3.26
CA ASP B 51 -11.74 14.19 3.24
C ASP B 51 -10.42 14.91 2.97
N GLN B 52 -9.33 14.43 3.58
CA GLN B 52 -8.00 14.97 3.30
C GLN B 52 -7.66 14.84 1.82
N ILE B 53 -8.01 13.68 1.28
CA ILE B 53 -7.77 13.39 -0.12
C ILE B 53 -8.58 14.32 -1.00
N MET B 54 -9.86 14.53 -0.65
CA MET B 54 -10.75 15.33 -1.47
C MET B 54 -10.51 16.84 -1.34
N THR B 55 -9.78 17.29 -0.31
CA THR B 55 -9.53 18.71 -0.13
C THR B 55 -8.14 19.10 -0.61
N GLY B 56 -7.46 18.19 -1.28
CA GLY B 56 -6.13 18.46 -1.82
C GLY B 56 -5.05 18.52 -0.76
N ASN B 57 -5.34 17.99 0.45
CA ASN B 57 -4.38 18.07 1.54
C ASN B 57 -3.53 16.81 1.74
N ALA B 58 -3.69 15.83 0.87
CA ALA B 58 -2.92 14.59 0.95
C ALA B 58 -1.84 14.55 -0.12
N ARG B 59 -0.65 14.12 0.28
CA ARG B 59 0.43 13.85 -0.66
C ARG B 59 0.06 12.63 -1.52
N PRO B 60 0.43 12.64 -2.80
CA PRO B 60 0.20 11.46 -3.64
C PRO B 60 0.62 10.15 -2.98
N ALA B 61 1.75 10.17 -2.28
CA ALA B 61 2.23 8.97 -1.59
C ALA B 61 1.26 8.50 -0.50
N GLN B 62 0.68 9.47 0.24
CA GLN B 62 -0.32 9.17 1.27
C GLN B 62 -1.59 8.60 0.63
N ILE B 63 -2.03 9.21 -0.45
CA ILE B 63 -3.22 8.71 -1.14
C ILE B 63 -3.01 7.26 -1.56
N ALA B 64 -1.85 6.98 -2.16
CA ALA B 64 -1.56 5.65 -2.68
C ALA B 64 -1.42 4.61 -1.55
N ALA B 65 -0.72 4.98 -0.49
CA ALA B 65 -0.56 4.11 0.67
C ALA B 65 -1.90 3.76 1.26
N PHE B 66 -2.79 4.74 1.32
CA PHE B 66 -4.08 4.49 1.93
C PHE B 66 -4.91 3.55 1.07
N ALA B 67 -4.98 3.84 -0.22
CA ALA B 67 -5.77 2.99 -1.13
C ALA B 67 -5.28 1.55 -1.12
N VAL B 68 -3.96 1.37 -1.19
CA VAL B 68 -3.40 0.04 -1.20
C VAL B 68 -3.59 -0.64 0.14
N ALA B 69 -3.32 0.05 1.25
CA ALA B 69 -3.42 -0.59 2.56
C ALA B 69 -4.84 -1.01 2.88
N MET B 70 -5.80 -0.17 2.53
CA MET B 70 -7.18 -0.54 2.80
C MET B 70 -7.57 -1.77 2.00
N THR B 71 -7.14 -1.79 0.75
CA THR B 71 -7.48 -2.91 -0.11
C THR B 71 -6.90 -4.20 0.45
N MET B 72 -5.64 -4.18 0.88
CA MET B 72 -5.03 -5.41 1.34
C MET B 72 -5.52 -5.85 2.72
N LYS B 73 -5.98 -4.92 3.53
CA LYS B 73 -6.53 -5.25 4.84
C LYS B 73 -7.88 -6.01 4.68
N ALA B 74 -8.62 -5.63 3.65
CA ALA B 74 -9.98 -6.07 3.32
C ALA B 74 -10.89 -5.01 3.92
N PRO B 75 -11.39 -4.12 3.06
CA PRO B 75 -12.22 -3.02 3.57
C PRO B 75 -13.52 -3.56 4.10
N THR B 76 -14.09 -2.86 5.07
CA THR B 76 -15.39 -3.20 5.62
C THR B 76 -16.44 -2.30 4.97
N ALA B 77 -17.71 -2.69 5.07
CA ALA B 77 -18.78 -1.84 4.58
C ALA B 77 -18.80 -0.51 5.30
N ASP B 78 -18.48 -0.52 6.59
CA ASP B 78 -18.47 0.74 7.35
C ASP B 78 -17.45 1.70 6.74
N GLU B 79 -16.27 1.15 6.47
CA GLU B 79 -15.17 1.93 5.90
C GLU B 79 -15.48 2.47 4.51
N VAL B 80 -15.94 1.59 3.62
CA VAL B 80 -16.24 2.02 2.27
C VAL B 80 -17.40 3.01 2.29
N GLY B 81 -18.38 2.79 3.16
CA GLY B 81 -19.46 3.74 3.33
C GLY B 81 -18.97 5.13 3.76
N GLU B 82 -17.96 5.19 4.62
CA GLU B 82 -17.41 6.49 4.99
C GLU B 82 -16.75 7.18 3.81
N LEU B 83 -15.97 6.43 3.03
CA LEU B 83 -15.37 6.98 1.80
C LEU B 83 -16.42 7.56 0.87
N ALA B 84 -17.44 6.77 0.55
CA ALA B 84 -18.49 7.21 -0.37
C ALA B 84 -19.25 8.43 0.20
N GLY B 85 -19.51 8.40 1.49
CA GLY B 85 -20.18 9.50 2.16
C GLY B 85 -19.44 10.82 2.01
N VAL B 86 -18.12 10.78 2.22
CA VAL B 86 -17.32 11.99 2.06
C VAL B 86 -17.40 12.47 0.63
N MET B 87 -17.30 11.56 -0.34
CA MET B 87 -17.41 11.95 -1.73
C MET B 87 -18.76 12.62 -2.02
N LEU B 88 -19.84 12.02 -1.53
CA LEU B 88 -21.16 12.57 -1.76
C LEU B 88 -21.31 13.91 -1.05
N SER B 89 -20.64 14.08 0.07
CA SER B 89 -20.79 15.33 0.82
C SER B 89 -20.11 16.48 0.05
N HIS B 90 -19.11 16.16 -0.76
CA HIS B 90 -18.43 17.16 -1.60
C HIS B 90 -18.99 17.29 -3.01
N ALA B 91 -19.85 16.37 -3.44
CA ALA B 91 -20.29 16.34 -4.83
C ALA B 91 -21.26 17.50 -5.13
N HIS B 92 -21.34 17.88 -6.40
CA HIS B 92 -22.41 18.79 -6.84
C HIS B 92 -23.72 18.03 -6.80
N PRO B 93 -24.70 18.49 -6.00
CA PRO B 93 -25.98 17.80 -5.98
C PRO B 93 -26.92 18.24 -7.09
N LEU B 94 -27.95 17.45 -7.38
CA LEU B 94 -29.01 17.93 -8.26
C LEU B 94 -29.95 18.83 -7.46
N PRO B 95 -30.70 19.71 -8.16
CA PRO B 95 -31.62 20.62 -7.47
C PRO B 95 -32.68 19.89 -6.66
N ALA B 96 -33.14 20.53 -5.58
CA ALA B 96 -34.14 19.94 -4.72
C ALA B 96 -35.35 19.48 -5.52
N ASP B 97 -35.85 18.30 -5.19
CA ASP B 97 -37.09 17.77 -5.75
C ASP B 97 -37.06 17.64 -7.26
N THR B 98 -35.93 17.23 -7.80
CA THR B 98 -35.81 16.96 -9.24
C THR B 98 -35.52 15.49 -9.54
N VAL B 99 -35.29 14.71 -8.49
CA VAL B 99 -35.03 13.29 -8.66
C VAL B 99 -36.18 12.50 -8.02
N PRO B 100 -36.91 11.70 -8.82
CA PRO B 100 -37.99 10.89 -8.27
C PRO B 100 -37.49 9.89 -7.24
N ASP B 101 -38.36 9.58 -6.29
CA ASP B 101 -38.01 8.70 -5.19
C ASP B 101 -37.62 7.31 -5.68
N ASP B 102 -38.03 6.98 -6.90
CA ASP B 102 -37.82 5.65 -7.45
C ASP B 102 -36.85 5.64 -8.65
N ALA B 103 -36.00 6.65 -8.74
CA ALA B 103 -34.99 6.67 -9.81
C ALA B 103 -34.00 5.52 -9.62
N VAL B 104 -33.49 4.99 -10.72
CA VAL B 104 -32.56 3.88 -10.69
C VAL B 104 -31.29 4.22 -11.46
N ASP B 105 -30.21 3.55 -11.06
CA ASP B 105 -28.92 3.62 -11.70
C ASP B 105 -28.63 2.24 -12.28
N VAL B 106 -27.79 2.20 -13.32
CA VAL B 106 -27.26 0.98 -13.90
C VAL B 106 -25.80 1.27 -14.15
N VAL B 107 -24.95 0.77 -13.25
CA VAL B 107 -23.53 1.12 -13.30
C VAL B 107 -22.65 0.11 -12.60
N GLY B 108 -21.45 -0.11 -13.14
CA GLY B 108 -20.51 -1.06 -12.56
C GLY B 108 -19.18 -0.44 -12.19
N THR B 109 -18.34 -1.22 -11.53
CA THR B 109 -16.98 -0.82 -11.22
C THR B 109 -16.14 -0.65 -12.46
N GLY B 110 -16.50 -1.36 -13.52
CA GLY B 110 -15.61 -1.53 -14.64
C GLY B 110 -14.43 -2.39 -14.22
N GLY B 111 -13.43 -2.48 -15.10
CA GLY B 111 -12.21 -3.19 -14.79
C GLY B 111 -12.35 -4.70 -14.77
N ASP B 112 -13.23 -5.25 -15.59
CA ASP B 112 -13.42 -6.70 -15.58
C ASP B 112 -12.40 -7.40 -16.49
N GLY B 113 -11.60 -6.64 -17.21
CA GLY B 113 -10.54 -7.20 -18.03
C GLY B 113 -11.04 -7.67 -19.37
N VAL B 114 -12.32 -7.39 -19.64
CA VAL B 114 -12.98 -7.78 -20.87
C VAL B 114 -13.52 -6.52 -21.54
N ASN B 115 -13.17 -6.34 -22.81
CA ASN B 115 -13.63 -5.22 -23.58
C ASN B 115 -14.93 -5.60 -24.26
N THR B 116 -16.02 -5.31 -23.56
CA THR B 116 -17.35 -5.61 -24.06
C THR B 116 -17.98 -4.34 -24.62
N VAL B 117 -19.08 -4.52 -25.34
CA VAL B 117 -19.98 -3.43 -25.64
C VAL B 117 -20.47 -2.85 -24.30
N ASN B 118 -21.04 -1.65 -24.35
CA ASN B 118 -21.39 -0.94 -23.13
C ASN B 118 -22.76 -1.36 -22.61
N LEU B 119 -22.76 -2.47 -21.89
CA LEU B 119 -24.02 -3.13 -21.53
C LEU B 119 -24.88 -2.30 -20.54
N SER B 120 -24.26 -1.66 -19.56
CA SER B 120 -25.04 -0.93 -18.57
C SER B 120 -25.71 0.25 -19.25
N THR B 121 -24.98 0.89 -20.14
CA THR B 121 -25.49 2.05 -20.86
C THR B 121 -26.67 1.66 -21.76
N MET B 122 -26.54 0.56 -22.48
CA MET B 122 -27.63 0.10 -23.31
C MET B 122 -28.81 -0.27 -22.44
N ALA B 123 -28.54 -0.99 -21.36
CA ALA B 123 -29.61 -1.36 -20.44
C ALA B 123 -30.33 -0.13 -19.89
N ALA B 124 -29.56 0.89 -19.51
CA ALA B 124 -30.15 2.10 -18.94
C ALA B 124 -31.15 2.78 -19.89
N ILE B 125 -30.81 2.83 -21.17
CA ILE B 125 -31.69 3.40 -22.16
C ILE B 125 -33.03 2.62 -22.23
N VAL B 126 -32.93 1.30 -22.26
CA VAL B 126 -34.11 0.43 -22.30
C VAL B 126 -34.99 0.57 -21.03
N VAL B 127 -34.36 0.60 -19.86
CA VAL B 127 -35.08 0.83 -18.62
C VAL B 127 -35.86 2.14 -18.60
N ALA B 128 -35.21 3.23 -19.01
CA ALA B 128 -35.88 4.52 -19.09
C ALA B 128 -37.03 4.44 -20.10
N ALA B 129 -36.81 3.77 -21.23
CA ALA B 129 -37.88 3.64 -22.22
C ALA B 129 -39.05 2.82 -21.70
N ALA B 130 -38.79 1.97 -20.72
CA ALA B 130 -39.85 1.23 -20.06
C ALA B 130 -40.64 2.08 -19.06
N GLY B 131 -40.21 3.31 -18.79
CA GLY B 131 -40.94 4.21 -17.90
C GLY B 131 -40.36 4.31 -16.50
N VAL B 132 -39.19 3.70 -16.29
CA VAL B 132 -38.52 3.79 -14.99
C VAL B 132 -37.55 4.95 -15.07
N PRO B 133 -37.64 5.91 -14.13
CA PRO B 133 -36.67 7.01 -14.21
C PRO B 133 -35.24 6.52 -13.98
N VAL B 134 -34.33 6.93 -14.83
CA VAL B 134 -32.91 6.53 -14.74
C VAL B 134 -32.02 7.74 -14.59
N VAL B 135 -31.20 7.75 -13.55
CA VAL B 135 -30.15 8.74 -13.48
C VAL B 135 -28.89 7.90 -13.42
N LYS B 136 -28.17 7.87 -14.53
CA LYS B 136 -27.00 7.00 -14.63
C LYS B 136 -25.73 7.76 -14.31
N HIS B 137 -24.92 7.16 -13.45
CA HIS B 137 -23.58 7.63 -13.17
C HIS B 137 -22.64 7.02 -14.18
N GLY B 138 -21.80 7.82 -14.79
CA GLY B 138 -20.96 7.31 -15.85
C GLY B 138 -19.62 8.00 -15.99
N ASN B 139 -18.78 7.43 -16.86
CA ASN B 139 -17.41 7.89 -17.01
C ASN B 139 -16.82 7.36 -18.30
N ARG B 140 -15.69 7.96 -18.69
CA ARG B 140 -14.95 7.50 -19.85
C ARG B 140 -14.19 6.23 -19.51
N ALA B 141 -13.62 5.60 -20.53
CA ALA B 141 -12.82 4.40 -20.32
C ALA B 141 -11.67 4.64 -19.35
N ALA B 142 -11.32 3.62 -18.57
CA ALA B 142 -10.13 3.63 -17.74
C ALA B 142 -9.14 2.60 -18.28
N SER B 143 -9.61 1.37 -18.45
CA SER B 143 -8.81 0.28 -19.01
C SER B 143 -9.38 -0.28 -20.33
N SER B 144 -10.59 0.14 -20.70
CA SER B 144 -11.23 -0.40 -21.91
C SER B 144 -11.03 0.52 -23.12
N LEU B 145 -11.48 0.07 -24.29
CA LEU B 145 -11.40 0.86 -25.52
C LEU B 145 -12.46 1.97 -25.60
N SER B 146 -13.61 1.81 -24.95
CA SER B 146 -14.65 2.83 -24.97
C SER B 146 -15.54 2.72 -23.74
N GLY B 147 -15.56 3.78 -22.94
CA GLY B 147 -16.40 3.82 -21.76
C GLY B 147 -17.81 4.17 -22.16
N GLY B 148 -18.75 3.98 -21.25
CA GLY B 148 -20.13 4.38 -21.49
C GLY B 148 -20.23 5.83 -21.92
N ALA B 149 -19.49 6.73 -21.27
CA ALA B 149 -19.54 8.15 -21.60
C ALA B 149 -19.03 8.40 -23.02
N ASP B 150 -17.91 7.76 -23.37
CA ASP B 150 -17.35 7.82 -24.72
C ASP B 150 -18.37 7.44 -25.78
N THR B 151 -19.05 6.33 -25.53
CA THR B 151 -20.02 5.78 -26.46
C THR B 151 -21.25 6.68 -26.58
N LEU B 152 -21.74 7.21 -25.46
CA LEU B 152 -22.87 8.14 -25.49
C LEU B 152 -22.51 9.40 -26.27
N GLU B 153 -21.29 9.90 -26.06
CA GLU B 153 -20.80 11.03 -26.82
C GLU B 153 -20.86 10.74 -28.32
N ALA B 154 -20.45 9.53 -28.70
CA ALA B 154 -20.37 9.13 -30.11
C ALA B 154 -21.76 9.03 -30.71
N LEU B 155 -22.76 8.85 -29.84
CA LEU B 155 -24.14 8.72 -30.26
C LEU B 155 -24.81 10.08 -30.36
N GLY B 156 -24.11 11.12 -29.94
CA GLY B 156 -24.62 12.48 -30.03
C GLY B 156 -25.31 12.93 -28.76
N VAL B 157 -25.24 12.11 -27.72
CA VAL B 157 -25.78 12.48 -26.42
C VAL B 157 -24.78 13.37 -25.67
N ARG B 158 -25.31 14.39 -25.01
CA ARG B 158 -24.50 15.31 -24.23
C ARG B 158 -24.11 14.70 -22.89
N ILE B 159 -22.82 14.45 -22.71
CA ILE B 159 -22.34 13.88 -21.44
C ILE B 159 -21.80 14.93 -20.48
N ASP B 160 -21.89 16.20 -20.85
CA ASP B 160 -21.22 17.29 -20.11
C ASP B 160 -22.15 18.19 -19.31
N LEU B 161 -23.36 17.72 -19.02
CA LEU B 161 -24.36 18.59 -18.41
C LEU B 161 -24.21 18.68 -16.90
N GLY B 162 -24.41 19.88 -16.37
CA GLY B 162 -24.40 20.12 -14.93
C GLY B 162 -25.72 19.77 -14.30
N PRO B 163 -25.82 19.93 -12.97
CA PRO B 163 -26.99 19.58 -12.16
C PRO B 163 -28.35 19.98 -12.74
N ASP B 164 -28.50 21.26 -13.11
CA ASP B 164 -29.78 21.76 -13.60
C ASP B 164 -30.22 21.03 -14.87
N LEU B 165 -29.30 20.90 -15.81
CA LEU B 165 -29.67 20.31 -17.09
C LEU B 165 -29.80 18.78 -17.01
N VAL B 166 -29.07 18.13 -16.11
CA VAL B 166 -29.32 16.71 -15.88
C VAL B 166 -30.74 16.52 -15.35
N ALA B 167 -31.13 17.37 -14.40
CA ALA B 167 -32.49 17.35 -13.85
C ALA B 167 -33.54 17.53 -14.96
N ARG B 168 -33.30 18.47 -15.87
CA ARG B 168 -34.23 18.67 -17.00
C ARG B 168 -34.23 17.48 -17.97
N SER B 169 -33.07 16.87 -18.20
CA SER B 169 -33.00 15.67 -19.02
C SER B 169 -33.87 14.58 -18.42
N LEU B 170 -33.73 14.35 -17.13
CA LEU B 170 -34.51 13.33 -16.44
C LEU B 170 -36.01 13.59 -16.61
N ALA B 171 -36.42 14.84 -16.42
CA ALA B 171 -37.85 15.20 -16.47
C ALA B 171 -38.39 15.07 -17.88
N GLU B 172 -37.63 15.57 -18.84
CA GLU B 172 -38.11 15.73 -20.21
C GLU B 172 -37.93 14.46 -21.05
N VAL B 173 -36.86 13.71 -20.80
CA VAL B 173 -36.48 12.57 -21.63
C VAL B 173 -36.76 11.23 -20.93
N GLY B 174 -36.64 11.23 -19.60
CA GLY B 174 -36.81 10.03 -18.80
C GLY B 174 -35.50 9.49 -18.27
N ILE B 175 -34.40 10.09 -18.69
CA ILE B 175 -33.06 9.65 -18.30
C ILE B 175 -32.13 10.85 -18.22
N GLY B 176 -31.30 10.85 -17.18
CA GLY B 176 -30.23 11.82 -17.06
C GLY B 176 -28.93 11.09 -16.88
N PHE B 177 -27.85 11.68 -17.37
CA PHE B 177 -26.51 11.13 -17.25
C PHE B 177 -25.63 12.06 -16.43
N CYS B 178 -25.12 11.56 -15.32
CA CYS B 178 -24.20 12.30 -14.46
C CYS B 178 -22.79 11.84 -14.76
N PHE B 179 -22.04 12.68 -15.47
CA PHE B 179 -20.65 12.40 -15.79
C PHE B 179 -19.84 12.60 -14.50
N ALA B 180 -19.14 11.57 -14.07
CA ALA B 180 -18.57 11.60 -12.72
C ALA B 180 -17.60 12.78 -12.52
N PRO B 181 -16.67 12.99 -13.48
CA PRO B 181 -15.75 14.12 -13.30
C PRO B 181 -16.43 15.48 -13.23
N ARG B 182 -17.61 15.60 -13.81
CA ARG B 182 -18.37 16.85 -13.77
C ARG B 182 -18.97 17.11 -12.39
N PHE B 183 -19.37 16.04 -11.72
CA PHE B 183 -20.04 16.15 -10.45
C PHE B 183 -19.11 15.94 -9.25
N HIS B 184 -17.92 15.42 -9.49
CA HIS B 184 -16.95 15.09 -8.44
C HIS B 184 -15.58 15.75 -8.67
N PRO B 185 -15.55 17.06 -8.91
CA PRO B 185 -14.25 17.67 -9.26
C PRO B 185 -13.17 17.49 -8.21
N SER B 186 -13.55 17.42 -6.94
CA SER B 186 -12.56 17.27 -5.88
C SER B 186 -11.90 15.87 -5.85
N TYR B 187 -12.46 14.94 -6.60
CA TYR B 187 -11.88 13.59 -6.67
C TYR B 187 -10.64 13.53 -7.55
N ARG B 188 -10.31 14.63 -8.22
CA ARG B 188 -9.26 14.64 -9.22
C ARG B 188 -7.91 14.23 -8.65
N HIS B 189 -7.64 14.53 -7.39
CA HIS B 189 -6.38 14.10 -6.81
C HIS B 189 -6.31 12.58 -6.70
N ALA B 190 -7.37 11.96 -6.20
CA ALA B 190 -7.45 10.50 -6.12
C ALA B 190 -7.39 9.81 -7.50
N ALA B 191 -8.14 10.34 -8.46
CA ALA B 191 -8.16 9.78 -9.81
C ALA B 191 -6.76 9.71 -10.43
N ALA B 192 -5.95 10.74 -10.21
CA ALA B 192 -4.61 10.77 -10.75
C ALA B 192 -3.75 9.64 -10.16
N VAL B 193 -3.91 9.39 -8.86
CA VAL B 193 -3.15 8.36 -8.18
C VAL B 193 -3.60 6.96 -8.66
N ARG B 194 -4.92 6.79 -8.82
N ARG B 194 -4.92 6.79 -8.85
CA ARG B 194 -5.52 5.56 -9.30
CA ARG B 194 -5.46 5.54 -9.37
C ARG B 194 -4.89 5.19 -10.64
C ARG B 194 -4.80 5.21 -10.71
N ARG B 195 -4.74 6.20 -11.49
N ARG B 195 -4.73 6.22 -11.58
CA ARG B 195 -4.15 6.03 -12.81
CA ARG B 195 -4.12 6.04 -12.89
C ARG B 195 -2.68 5.63 -12.70
C ARG B 195 -2.65 5.64 -12.73
N GLU B 196 -1.95 6.36 -11.86
CA GLU B 196 -0.50 6.14 -11.71
C GLU B 196 -0.17 4.76 -11.18
N ILE B 197 -0.95 4.21 -10.24
CA ILE B 197 -0.57 2.91 -9.69
C ILE B 197 -1.15 1.76 -10.48
N GLY B 198 -2.22 2.01 -11.23
CA GLY B 198 -2.79 1.01 -12.12
C GLY B 198 -3.65 -0.06 -11.45
N VAL B 199 -3.11 -0.70 -10.44
CA VAL B 199 -3.77 -1.79 -9.74
C VAL B 199 -5.13 -1.34 -9.17
N PRO B 200 -6.18 -2.18 -9.30
CA PRO B 200 -7.45 -1.83 -8.66
C PRO B 200 -7.28 -1.74 -7.15
N THR B 201 -7.99 -0.80 -6.55
CA THR B 201 -8.00 -0.64 -5.10
C THR B 201 -9.45 -0.42 -4.64
N VAL B 202 -9.63 -0.19 -3.35
CA VAL B 202 -10.94 0.16 -2.82
C VAL B 202 -11.56 1.36 -3.56
N PHE B 203 -10.74 2.26 -4.12
CA PHE B 203 -11.24 3.41 -4.87
C PHE B 203 -12.10 2.97 -6.06
N ASN B 204 -11.80 1.80 -6.63
CA ASN B 204 -12.53 1.31 -7.81
C ASN B 204 -13.99 0.94 -7.47
N LEU B 205 -14.30 0.83 -6.17
CA LEU B 205 -15.68 0.58 -5.74
C LEU B 205 -16.55 1.82 -5.70
N LEU B 206 -15.94 3.00 -5.73
CA LEU B 206 -16.66 4.19 -5.26
C LEU B 206 -17.64 4.78 -6.30
N GLY B 207 -17.35 4.58 -7.59
CA GLY B 207 -18.19 5.14 -8.64
C GLY B 207 -19.66 4.80 -8.51
N PRO B 208 -19.98 3.50 -8.40
CA PRO B 208 -21.37 3.06 -8.27
C PRO B 208 -22.01 3.52 -6.95
N LEU B 209 -21.18 3.79 -5.95
CA LEU B 209 -21.62 4.21 -4.64
C LEU B 209 -21.77 5.72 -4.50
N THR B 210 -21.42 6.49 -5.52
CA THR B 210 -21.38 7.94 -5.38
C THR B 210 -22.11 8.70 -6.50
N ASN B 211 -23.19 8.11 -7.00
CA ASN B 211 -24.06 8.84 -7.92
C ASN B 211 -24.60 10.10 -7.22
N PRO B 212 -24.28 11.28 -7.76
CA PRO B 212 -24.62 12.50 -7.01
C PRO B 212 -26.11 12.79 -6.92
N ALA B 213 -26.91 12.09 -7.72
CA ALA B 213 -28.38 12.19 -7.67
C ALA B 213 -28.97 11.30 -6.59
N ARG B 214 -28.12 10.43 -6.04
CA ARG B 214 -28.49 9.56 -4.91
C ARG B 214 -29.76 8.75 -5.16
N PRO B 215 -29.83 8.08 -6.32
CA PRO B 215 -30.96 7.19 -6.58
C PRO B 215 -31.02 6.08 -5.55
N ARG B 216 -32.21 5.66 -5.15
CA ARG B 216 -32.35 4.65 -4.11
C ARG B 216 -32.40 3.23 -4.65
N ALA B 217 -32.37 3.09 -5.97
CA ALA B 217 -32.36 1.76 -6.56
C ALA B 217 -31.27 1.65 -7.62
N GLY B 218 -30.84 0.43 -7.89
CA GLY B 218 -29.81 0.21 -8.89
C GLY B 218 -29.48 -1.22 -9.18
N LEU B 219 -28.97 -1.41 -10.40
CA LEU B 219 -28.29 -2.63 -10.79
C LEU B 219 -26.81 -2.32 -10.85
N ILE B 220 -26.05 -2.93 -9.95
CA ILE B 220 -24.68 -2.47 -9.67
C ILE B 220 -23.67 -3.59 -9.93
N GLY B 221 -22.86 -3.40 -10.96
CA GLY B 221 -21.87 -4.41 -11.35
C GLY B 221 -20.60 -4.30 -10.54
N CYS B 222 -20.03 -5.44 -10.15
CA CYS B 222 -18.78 -5.44 -9.42
C CYS B 222 -17.82 -6.46 -10.04
N ALA B 223 -16.70 -6.00 -10.58
CA ALA B 223 -15.75 -6.87 -11.25
C ALA B 223 -15.01 -7.78 -10.28
N PHE B 224 -14.99 -7.36 -9.02
CA PHE B 224 -14.15 -7.97 -7.99
C PHE B 224 -15.01 -8.77 -7.05
N ALA B 225 -14.99 -10.09 -7.25
CA ALA B 225 -15.91 -11.00 -6.58
C ALA B 225 -15.85 -10.87 -5.08
N ASP B 226 -14.65 -10.65 -4.58
CA ASP B 226 -14.34 -10.56 -3.14
C ASP B 226 -14.77 -9.25 -2.50
N LEU B 227 -15.20 -8.29 -3.33
CA LEU B 227 -15.62 -6.98 -2.80
C LEU B 227 -17.09 -6.65 -3.08
N ALA B 228 -17.81 -7.52 -3.78
CA ALA B 228 -19.23 -7.29 -4.05
C ALA B 228 -20.06 -7.24 -2.79
N GLU B 229 -19.76 -8.13 -1.86
CA GLU B 229 -20.49 -8.18 -0.60
C GLU B 229 -20.32 -6.88 0.19
N VAL B 230 -19.12 -6.32 0.17
CA VAL B 230 -18.86 -5.07 0.88
C VAL B 230 -19.66 -3.94 0.22
N MET B 231 -19.67 -3.92 -1.11
CA MET B 231 -20.51 -2.93 -1.82
C MET B 231 -21.97 -3.07 -1.42
N ALA B 232 -22.46 -4.30 -1.39
CA ALA B 232 -23.84 -4.57 -1.02
C ALA B 232 -24.11 -4.04 0.39
N GLY B 233 -23.16 -4.23 1.30
CA GLY B 233 -23.31 -3.73 2.66
C GLY B 233 -23.49 -2.22 2.74
N VAL B 234 -22.78 -1.49 1.88
CA VAL B 234 -22.89 -0.04 1.86
C VAL B 234 -24.30 0.39 1.43
N PHE B 235 -24.81 -0.26 0.38
CA PHE B 235 -26.15 0.03 -0.09
C PHE B 235 -27.19 -0.34 0.97
N ALA B 236 -26.93 -1.43 1.68
CA ALA B 236 -27.85 -1.90 2.72
C ALA B 236 -27.93 -0.88 3.85
N ALA B 237 -26.81 -0.25 4.16
CA ALA B 237 -26.78 0.73 5.23
C ALA B 237 -27.63 1.95 4.89
N ARG B 238 -27.69 2.31 3.62
CA ARG B 238 -28.48 3.46 3.21
C ARG B 238 -29.88 3.03 2.70
N ARG B 239 -30.22 1.76 2.96
CA ARG B 239 -31.53 1.16 2.68
C ARG B 239 -31.96 1.40 1.23
N SER B 240 -31.01 1.18 0.33
CA SER B 240 -31.28 1.13 -1.09
C SER B 240 -31.86 -0.20 -1.50
N SER B 241 -32.51 -0.22 -2.66
CA SER B 241 -32.95 -1.47 -3.27
C SER B 241 -32.05 -1.75 -4.45
N VAL B 242 -31.08 -2.64 -4.27
CA VAL B 242 -30.03 -2.84 -5.27
C VAL B 242 -29.77 -4.31 -5.46
N LEU B 243 -29.43 -4.66 -6.69
CA LEU B 243 -28.79 -5.93 -6.98
C LEU B 243 -27.35 -5.66 -7.32
N VAL B 244 -26.44 -6.15 -6.48
CA VAL B 244 -25.04 -6.05 -6.78
C VAL B 244 -24.69 -7.34 -7.50
N VAL B 245 -24.16 -7.22 -8.71
CA VAL B 245 -23.97 -8.39 -9.57
C VAL B 245 -22.53 -8.58 -10.05
N HIS B 246 -22.12 -9.85 -10.09
CA HIS B 246 -20.81 -10.26 -10.60
C HIS B 246 -21.00 -11.52 -11.45
N GLY B 247 -20.76 -11.42 -12.76
CA GLY B 247 -20.89 -12.56 -13.65
C GLY B 247 -19.86 -13.59 -13.25
N ASP B 248 -20.21 -14.88 -13.26
CA ASP B 248 -19.26 -15.91 -12.79
C ASP B 248 -18.18 -16.14 -13.84
N ASP B 249 -18.30 -15.44 -14.97
CA ASP B 249 -17.25 -15.37 -15.98
C ASP B 249 -16.34 -14.15 -15.79
N GLY B 250 -16.59 -13.35 -14.76
CA GLY B 250 -15.82 -12.13 -14.52
C GLY B 250 -16.48 -10.79 -14.88
N LEU B 251 -17.60 -10.82 -15.58
CA LEU B 251 -18.24 -9.58 -16.05
C LEU B 251 -18.83 -8.79 -14.90
N ASP B 252 -18.73 -7.46 -14.94
CA ASP B 252 -19.39 -6.64 -13.93
C ASP B 252 -20.78 -6.25 -14.45
N GLU B 253 -21.49 -7.27 -14.92
CA GLU B 253 -22.88 -7.20 -15.35
C GLU B 253 -23.51 -8.57 -15.10
N LEU B 254 -24.81 -8.70 -15.28
CA LEU B 254 -25.40 -10.03 -15.34
C LEU B 254 -24.97 -10.58 -16.66
N THR B 255 -24.31 -11.73 -16.66
CA THR B 255 -23.79 -12.29 -17.90
C THR B 255 -24.77 -13.27 -18.54
N THR B 256 -24.57 -13.51 -19.84
CA THR B 256 -25.29 -14.54 -20.53
C THR B 256 -24.47 -15.78 -20.80
N THR B 257 -23.19 -15.77 -20.45
CA THR B 257 -22.31 -16.92 -20.78
C THR B 257 -22.36 -18.03 -19.73
N THR B 258 -22.94 -17.74 -18.57
CA THR B 258 -22.94 -18.68 -17.43
C THR B 258 -23.78 -18.02 -16.32
N THR B 259 -23.62 -18.50 -15.09
CA THR B 259 -24.34 -17.95 -13.96
C THR B 259 -23.73 -16.60 -13.51
N SER B 260 -24.49 -15.85 -12.72
CA SER B 260 -24.00 -14.63 -12.07
C SER B 260 -24.29 -14.76 -10.59
N THR B 261 -23.43 -14.18 -9.77
CA THR B 261 -23.68 -14.08 -8.34
C THR B 261 -24.34 -12.74 -8.09
N ILE B 262 -25.43 -12.74 -7.34
CA ILE B 262 -26.14 -11.53 -6.99
C ILE B 262 -26.18 -11.37 -5.49
N TRP B 263 -25.75 -10.20 -5.01
CA TRP B 263 -25.99 -9.82 -3.63
C TRP B 263 -27.21 -8.90 -3.64
N ARG B 264 -28.34 -9.44 -3.18
CA ARG B 264 -29.62 -8.76 -3.22
C ARG B 264 -29.83 -7.93 -1.96
N VAL B 265 -29.97 -6.62 -2.15
CA VAL B 265 -30.14 -5.68 -1.06
C VAL B 265 -31.58 -5.20 -1.02
N ALA B 266 -32.25 -5.46 0.10
CA ALA B 266 -33.62 -5.00 0.33
C ALA B 266 -33.88 -4.95 1.83
N ALA B 267 -34.66 -3.96 2.26
CA ALA B 267 -35.02 -3.80 3.68
C ALA B 267 -33.79 -3.76 4.61
N GLY B 268 -32.67 -3.25 4.12
CA GLY B 268 -31.48 -3.08 4.95
C GLY B 268 -30.65 -4.33 5.15
N SER B 269 -30.97 -5.39 4.42
CA SER B 269 -30.25 -6.64 4.55
C SER B 269 -29.80 -7.13 3.19
N VAL B 270 -28.79 -8.00 3.21
CA VAL B 270 -28.18 -8.55 2.02
C VAL B 270 -28.38 -10.05 2.01
N ASP B 271 -28.78 -10.61 0.89
CA ASP B 271 -28.67 -12.06 0.78
C ASP B 271 -28.12 -12.46 -0.57
N LYS B 272 -27.30 -13.49 -0.53
CA LYS B 272 -26.48 -13.88 -1.65
C LYS B 272 -27.24 -14.92 -2.44
N LEU B 273 -27.29 -14.72 -3.76
CA LEU B 273 -27.99 -15.64 -4.64
C LEU B 273 -27.14 -15.92 -5.83
N THR B 274 -27.40 -17.05 -6.49
CA THR B 274 -26.82 -17.32 -7.80
C THR B 274 -27.96 -17.27 -8.81
N PHE B 275 -27.71 -16.63 -9.96
CA PHE B 275 -28.75 -16.41 -10.96
C PHE B 275 -28.35 -17.15 -12.21
N ASP B 276 -29.28 -17.92 -12.78
CA ASP B 276 -29.03 -18.64 -14.02
C ASP B 276 -30.02 -18.21 -15.11
N PRO B 277 -29.53 -17.53 -16.16
CA PRO B 277 -30.46 -17.06 -17.22
C PRO B 277 -31.17 -18.18 -17.98
N ALA B 278 -30.59 -19.37 -17.96
CA ALA B 278 -31.22 -20.54 -18.56
C ALA B 278 -32.62 -20.74 -17.97
N GLY B 279 -32.83 -20.30 -16.73
CA GLY B 279 -34.11 -20.40 -16.07
C GLY B 279 -35.19 -19.58 -16.76
N PHE B 280 -34.78 -18.62 -17.59
CA PHE B 280 -35.71 -17.73 -18.27
C PHE B 280 -35.57 -17.90 -19.76
N GLY B 281 -34.95 -18.99 -20.17
CA GLY B 281 -34.91 -19.40 -21.56
C GLY B 281 -33.80 -18.79 -22.36
N PHE B 282 -32.84 -18.17 -21.69
CA PHE B 282 -31.67 -17.63 -22.36
C PHE B 282 -30.67 -18.71 -22.72
N ALA B 283 -30.31 -18.79 -23.99
CA ALA B 283 -29.23 -19.65 -24.43
C ALA B 283 -27.90 -19.13 -23.91
N ARG B 284 -26.95 -20.03 -23.69
CA ARG B 284 -25.61 -19.64 -23.26
C ARG B 284 -24.85 -18.98 -24.42
N ALA B 285 -24.30 -17.81 -24.16
CA ALA B 285 -23.49 -17.11 -25.13
C ALA B 285 -22.00 -17.33 -24.84
N GLN B 286 -21.17 -16.94 -25.78
CA GLN B 286 -19.73 -16.91 -25.60
C GLN B 286 -19.31 -15.49 -25.31
N LEU B 287 -18.34 -15.30 -24.44
CA LEU B 287 -17.91 -13.95 -24.10
C LEU B 287 -17.45 -13.15 -25.33
N ASP B 288 -16.87 -13.80 -26.33
CA ASP B 288 -16.40 -13.05 -27.50
C ASP B 288 -17.60 -12.51 -28.31
N GLN B 289 -18.78 -13.07 -28.11
CA GLN B 289 -19.97 -12.55 -28.79
C GLN B 289 -20.39 -11.17 -28.28
N LEU B 290 -19.84 -10.75 -27.13
CA LEU B 290 -20.16 -9.45 -26.52
C LEU B 290 -19.04 -8.43 -26.68
N ALA B 291 -18.01 -8.79 -27.45
CA ALA B 291 -16.83 -7.94 -27.61
C ALA B 291 -17.16 -6.57 -28.18
N GLY B 292 -16.50 -5.55 -27.66
CA GLY B 292 -16.63 -4.20 -28.17
C GLY B 292 -15.39 -3.70 -28.88
N GLY B 293 -15.49 -2.50 -29.43
CA GLY B 293 -14.36 -1.85 -30.08
C GLY B 293 -14.24 -0.41 -29.59
N ASP B 294 -13.94 0.50 -30.51
CA ASP B 294 -13.81 1.90 -30.14
C ASP B 294 -15.19 2.54 -29.98
N ALA B 295 -15.21 3.84 -29.71
CA ALA B 295 -16.46 4.52 -29.41
C ALA B 295 -17.43 4.41 -30.58
N GLN B 296 -16.92 4.46 -31.81
CA GLN B 296 -17.80 4.38 -32.97
C GLN B 296 -18.37 2.97 -33.10
N ALA B 297 -17.54 1.97 -32.87
CA ALA B 297 -17.99 0.57 -32.93
C ALA B 297 -19.06 0.31 -31.87
N ASN B 298 -18.85 0.82 -30.67
CA ASN B 298 -19.81 0.57 -29.59
C ASN B 298 -21.09 1.36 -29.78
N ALA B 299 -20.98 2.54 -30.40
CA ALA B 299 -22.16 3.33 -30.73
C ALA B 299 -22.99 2.55 -31.75
N ALA B 300 -22.32 1.97 -32.73
CA ALA B 300 -23.03 1.17 -33.74
C ALA B 300 -23.76 0.02 -33.06
N ALA B 301 -23.15 -0.54 -32.04
CA ALA B 301 -23.75 -1.66 -31.34
C ALA B 301 -25.04 -1.22 -30.65
N VAL B 302 -25.03 -0.01 -30.08
CA VAL B 302 -26.24 0.50 -29.41
C VAL B 302 -27.34 0.64 -30.47
N ARG B 303 -27.01 1.27 -31.59
CA ARG B 303 -28.00 1.44 -32.66
C ARG B 303 -28.57 0.10 -33.13
N ALA B 304 -27.73 -0.93 -33.27
CA ALA B 304 -28.18 -2.22 -33.76
C ALA B 304 -29.18 -2.84 -32.78
N VAL B 305 -28.88 -2.76 -31.48
CA VAL B 305 -29.75 -3.39 -30.49
C VAL B 305 -31.07 -2.67 -30.42
N LEU B 306 -31.02 -1.33 -30.36
CA LEU B 306 -32.24 -0.55 -30.23
C LEU B 306 -33.09 -0.66 -31.48
N GLY B 307 -32.44 -1.02 -32.60
CA GLY B 307 -33.13 -1.19 -33.86
C GLY B 307 -33.78 -2.54 -34.05
N GLY B 308 -33.65 -3.41 -33.05
CA GLY B 308 -34.30 -4.71 -33.07
C GLY B 308 -33.44 -5.89 -33.50
N ALA B 309 -32.13 -5.68 -33.68
CA ALA B 309 -31.23 -6.78 -34.03
C ALA B 309 -31.26 -7.85 -32.94
N ARG B 310 -31.56 -9.09 -33.33
CA ARG B 310 -31.58 -10.21 -32.43
C ARG B 310 -30.17 -10.76 -32.29
N GLY B 311 -29.91 -11.42 -31.17
CA GLY B 311 -28.61 -12.00 -30.96
C GLY B 311 -28.11 -11.79 -29.55
N PRO B 312 -26.88 -12.21 -29.30
CA PRO B 312 -26.31 -12.23 -27.95
C PRO B 312 -26.26 -10.87 -27.26
N VAL B 313 -25.95 -9.81 -27.98
CA VAL B 313 -25.89 -8.49 -27.36
C VAL B 313 -27.27 -8.08 -26.87
N ARG B 314 -28.31 -8.20 -27.72
CA ARG B 314 -29.68 -7.93 -27.29
C ARG B 314 -30.02 -8.71 -26.02
N ASP B 315 -29.72 -10.00 -26.02
CA ASP B 315 -30.02 -10.85 -24.88
C ASP B 315 -29.41 -10.27 -23.60
N ALA B 316 -28.14 -9.88 -23.66
CA ALA B 316 -27.46 -9.36 -22.46
C ALA B 316 -28.03 -8.00 -22.04
N VAL B 317 -28.41 -7.17 -23.01
CA VAL B 317 -29.06 -5.89 -22.70
C VAL B 317 -30.44 -6.10 -22.03
N VAL B 318 -31.26 -7.00 -22.55
CA VAL B 318 -32.59 -7.26 -22.00
C VAL B 318 -32.47 -7.84 -20.58
N LEU B 319 -31.50 -8.72 -20.41
CA LEU B 319 -31.32 -9.35 -19.10
C LEU B 319 -30.95 -8.31 -18.06
N ASN B 320 -30.04 -7.40 -18.39
CA ASN B 320 -29.61 -6.41 -17.41
C ASN B 320 -30.67 -5.31 -17.19
N ALA B 321 -31.35 -4.92 -18.26
CA ALA B 321 -32.50 -4.02 -18.12
C ALA B 321 -33.52 -4.61 -17.15
N ALA B 322 -33.81 -5.90 -17.33
CA ALA B 322 -34.76 -6.58 -16.47
C ALA B 322 -34.27 -6.53 -15.03
N GLY B 323 -32.98 -6.75 -14.82
CA GLY B 323 -32.41 -6.70 -13.47
C GLY B 323 -32.63 -5.36 -12.79
N ALA B 324 -32.42 -4.30 -13.54
CA ALA B 324 -32.61 -2.95 -13.02
C ALA B 324 -34.08 -2.71 -12.68
N ILE B 325 -34.96 -3.24 -13.52
CA ILE B 325 -36.38 -3.11 -13.24
C ILE B 325 -36.75 -3.89 -11.98
N VAL B 326 -36.13 -5.06 -11.77
CA VAL B 326 -36.35 -5.81 -10.54
C VAL B 326 -35.89 -5.03 -9.30
N ALA B 327 -34.73 -4.39 -9.40
CA ALA B 327 -34.25 -3.53 -8.33
C ALA B 327 -35.25 -2.41 -8.02
N HIS B 328 -35.78 -1.80 -9.08
CA HIS B 328 -36.77 -0.75 -8.95
C HIS B 328 -38.01 -1.25 -8.21
N ALA B 329 -38.44 -2.46 -8.58
CA ALA B 329 -39.61 -3.09 -7.95
C ALA B 329 -39.44 -3.27 -6.44
N GLY B 330 -38.21 -3.55 -6.04
CA GLY B 330 -37.88 -3.89 -4.66
C GLY B 330 -37.98 -2.69 -3.74
N LEU B 331 -38.21 -1.51 -4.31
CA LEU B 331 -38.46 -0.35 -3.49
C LEU B 331 -39.82 -0.49 -2.81
N SER B 332 -40.61 -1.44 -3.29
CA SER B 332 -41.89 -1.79 -2.67
C SER B 332 -41.71 -2.90 -1.64
N ARG B 334 -42.63 -6.34 -0.37
CA ARG B 334 -43.81 -6.42 -1.22
C ARG B 334 -43.54 -7.17 -2.53
N ALA B 335 -42.37 -6.94 -3.09
CA ALA B 335 -42.00 -7.51 -4.39
C ALA B 335 -41.63 -8.99 -4.28
N GLU B 336 -42.07 -9.80 -5.24
CA GLU B 336 -41.73 -11.23 -5.31
C GLU B 336 -40.75 -11.50 -6.47
N TRP B 337 -39.74 -12.33 -6.22
CA TRP B 337 -38.56 -12.46 -7.08
C TRP B 337 -38.88 -12.92 -8.52
N LEU B 338 -39.51 -14.08 -8.68
CA LEU B 338 -39.75 -14.63 -10.02
C LEU B 338 -40.79 -13.82 -10.80
N PRO B 339 -41.91 -13.45 -10.16
CA PRO B 339 -42.81 -12.54 -10.88
C PRO B 339 -42.12 -11.23 -11.25
N ALA B 340 -41.25 -10.71 -10.38
CA ALA B 340 -40.55 -9.49 -10.68
C ALA B 340 -39.69 -9.68 -11.91
N TRP B 341 -38.97 -10.79 -11.99
CA TRP B 341 -38.09 -11.02 -13.12
C TRP B 341 -38.89 -11.21 -14.39
N GLU B 342 -40.02 -11.89 -14.30
CA GLU B 342 -40.80 -12.14 -15.50
C GLU B 342 -41.33 -10.83 -16.05
N GLU B 343 -41.83 -9.97 -15.16
CA GLU B 343 -42.33 -8.67 -15.55
C GLU B 343 -41.20 -7.79 -16.09
N GLY B 344 -40.05 -7.81 -15.43
CA GLY B 344 -38.90 -7.05 -15.90
C GLY B 344 -38.47 -7.43 -17.31
N LEU B 345 -38.46 -8.74 -17.59
CA LEU B 345 -38.09 -9.23 -18.91
C LEU B 345 -39.13 -8.85 -19.96
N ARG B 346 -40.42 -8.95 -19.61
CA ARG B 346 -41.50 -8.52 -20.51
C ARG B 346 -41.37 -7.05 -20.83
N ARG B 347 -41.16 -6.24 -19.80
CA ARG B 347 -41.07 -4.80 -19.99
C ARG B 347 -39.84 -4.38 -20.80
N ALA B 348 -38.70 -5.02 -20.53
CA ALA B 348 -37.48 -4.68 -21.25
C ALA B 348 -37.58 -5.02 -22.73
N SER B 349 -38.04 -6.24 -23.00
CA SER B 349 -38.26 -6.67 -24.36
C SER B 349 -39.27 -5.79 -25.08
N ALA B 350 -40.38 -5.44 -24.43
CA ALA B 350 -41.37 -4.60 -25.09
C ALA B 350 -40.83 -3.21 -25.37
N ALA B 351 -40.01 -2.68 -24.49
CA ALA B 351 -39.46 -1.35 -24.66
C ALA B 351 -38.61 -1.26 -25.93
N ILE B 352 -37.92 -2.36 -26.27
CA ILE B 352 -37.17 -2.42 -27.51
C ILE B 352 -38.12 -2.65 -28.66
N ASP B 353 -38.98 -3.66 -28.51
CA ASP B 353 -39.80 -4.14 -29.61
C ASP B 353 -40.79 -3.11 -30.15
N THR B 354 -41.31 -2.27 -29.26
CA THR B 354 -42.25 -1.23 -29.66
C THR B 354 -41.56 -0.07 -30.34
N GLY B 355 -40.23 -0.02 -30.26
CA GLY B 355 -39.49 1.14 -30.73
C GLY B 355 -39.25 2.18 -29.68
N ALA B 356 -39.81 2.01 -28.48
CA ALA B 356 -39.72 3.04 -27.45
C ALA B 356 -38.25 3.40 -27.12
N ALA B 357 -37.40 2.40 -27.04
CA ALA B 357 -36.00 2.61 -26.64
C ALA B 357 -35.24 3.36 -27.75
N GLU B 358 -35.47 2.98 -29.00
CA GLU B 358 -34.85 3.67 -30.12
C GLU B 358 -35.28 5.13 -30.14
N GLN B 359 -36.58 5.37 -29.95
CA GLN B 359 -37.13 6.70 -29.95
C GLN B 359 -36.62 7.51 -28.80
N LEU B 360 -36.47 6.88 -27.64
CA LEU B 360 -36.01 7.60 -26.47
C LEU B 360 -34.59 8.13 -26.71
N LEU B 361 -33.73 7.32 -27.31
CA LEU B 361 -32.36 7.77 -27.61
C LEU B 361 -32.40 8.96 -28.56
N ALA B 362 -33.26 8.89 -29.57
CA ALA B 362 -33.40 9.98 -30.52
C ALA B 362 -33.85 11.24 -29.83
N ARG B 363 -34.82 11.12 -28.94
CA ARG B 363 -35.30 12.26 -28.18
C ARG B 363 -34.23 12.81 -27.23
N TRP B 364 -33.42 11.93 -26.68
CA TRP B 364 -32.31 12.34 -25.80
C TRP B 364 -31.30 13.20 -26.56
N VAL B 365 -30.97 12.74 -27.77
CA VAL B 365 -30.03 13.44 -28.63
C VAL B 365 -30.58 14.82 -29.00
N ARG B 366 -31.84 14.87 -29.41
CA ARG B 366 -32.49 16.15 -29.68
C ARG B 366 -32.46 17.09 -28.47
N PHE B 367 -32.76 16.57 -27.29
CA PHE B 367 -32.80 17.37 -26.09
C PHE B 367 -31.51 18.15 -25.92
N GLY B 368 -30.39 17.50 -26.16
CA GLY B 368 -29.09 18.10 -25.90
C GLY B 368 -28.76 19.15 -26.94
N ARG B 369 -29.25 18.96 -28.16
CA ARG B 369 -29.01 19.89 -29.24
C ARG B 369 -29.90 21.15 -29.16
N GLN B 370 -30.93 21.09 -28.31
CA GLN B 370 -31.87 22.21 -28.14
C GLN B 370 -31.60 23.04 -26.88
N ILE B 371 -30.54 22.71 -26.13
CA ILE B 371 -30.16 23.54 -24.99
C ILE B 371 -29.48 24.81 -25.48
MG MG C . 21.20 0.51 16.97
MG MG D . 14.89 3.27 19.60
C1 51N E . 17.25 5.57 13.87
O4 51N E . 17.79 4.17 14.25
C4 51N E . 18.54 3.76 12.95
C3 51N E . 19.11 4.89 12.55
C2 51N E . 17.94 6.03 12.88
C5 51N E . 19.56 2.69 13.34
O1 51N E . 15.88 5.33 13.53
O08 51N E . 13.46 5.65 14.14
P09 51N E . 14.86 5.88 14.64
O10 51N E . 15.24 7.39 14.90
O11 51N E . 14.90 5.12 15.91
O3 51N E . 19.44 4.89 11.15
O2 51N E . 17.17 6.19 11.69
O5 51N E . 20.34 3.23 14.39
O15 51N E . 21.17 4.58 17.67
O16 51N E . 22.49 3.54 15.77
P17 51N E . 22.23 3.57 17.34
O18 51N E . 23.63 3.95 17.94
O19 51N E . 21.69 2.30 17.88
P20 51N E . 21.81 2.65 14.68
O21 51N E . 21.76 1.22 15.01
O22 51N E . 22.65 2.75 13.45
C1 GOL F . 24.07 -17.85 26.21
O1 GOL F . 23.60 -18.88 25.37
C2 GOL F . 23.18 -17.89 27.46
O2 GOL F . 21.96 -17.24 27.19
C3 GOL F . 23.88 -17.29 28.66
O3 GOL F . 22.96 -17.26 29.72
MG MG G . -21.46 -1.63 -16.76
MG MG H . -15.08 -4.42 -19.15
C1 51N I . -15.12 1.64 -17.39
O4 51N I . -16.30 0.81 -16.82
C4 51N I . -16.92 1.78 -15.79
C3 51N I . -16.81 2.95 -16.36
C2 51N I . -15.34 2.90 -17.12
C5 51N I . -18.37 1.35 -15.59
O1 51N I . -13.97 1.17 -16.69
O08 51N I . -11.78 -0.06 -16.64
P09 51N I . -12.96 0.22 -17.53
O10 51N I . -12.58 1.03 -18.82
O11 51N I . -13.47 -1.14 -17.78
O3 51N I . -16.85 4.00 -15.38
O2 51N I . -14.40 3.43 -16.18
O5 51N I . -19.00 1.31 -16.85
O15 51N I . -19.77 0.14 -20.15
O16 51N I . -20.96 1.51 -18.41
P17 51N I . -21.06 0.29 -19.40
O18 51N I . -22.24 0.59 -20.39
O19 51N I . -21.26 -1.01 -18.72
P20 51N I . -20.58 1.49 -16.88
O21 51N I . -21.24 0.41 -16.15
O22 51N I . -21.01 2.78 -16.30
#